data_5PZO
#
_entry.id   5PZO
#
_cell.length_a   65.200
_cell.length_b   90.300
_cell.length_c   234.900
_cell.angle_alpha   90.000
_cell.angle_beta   90.000
_cell.angle_gamma   90.000
#
_symmetry.space_group_name_H-M   'P 21 21 21'
#
loop_
_entity.id
_entity.type
_entity.pdbx_description
1 polymer 'RNA-directed RNA polymerase'
2 non-polymer '(2E)-3-(4-{[(1-{[(13-cyclohexyl-6-oxo-6,7-dihydro-5H-indolo[1,2-d][1,4]benzodiazepin-10-yl)carbonyl]amino}cyclopentyl)carbonyl]amino}phenyl)prop-2-enoic acid'
3 non-polymer 2-(4-fluorophenyl)-N-methyl-5-[3-({2-methyl-1-oxo-1-[(1,3,4-thiadiazol-2-yl)amino]propan-2-yl}carbamoyl)phenyl]-1-benzofuran-3-carboxamide
4 non-polymer 'SULFATE ION'
5 non-polymer GLYCEROL
6 water water
#
_entity_poly.entity_id   1
_entity_poly.type   'polypeptide(L)'
_entity_poly.pdbx_seq_one_letter_code
;MSMSYTWTGALITPCAAEETKLPINALSNSLLRHHNLVYATTSRSASLRQKKVTFDRLQVLDDHYRDVLKEMKAKASTVK
AKLLSVEEACKLTPPHSARSKFGYGAKDVRNLSSKAVNHIRSVWKDLLEDTETPIDTTIMAKNEVFCVQPEKGGRKPARL
IVFPDLGVRVCEKMALYDVVSTLPQAVMGSSYGFQYSPGQRVEFLVNAWKAKKCPMGFAYDTRCFDSTVTENDIRVEESI
YQCCDLAPEARQAIRSLTERLYIGGPLTNSKGQNCGYRRCRASGVLTTSCGNTLTCYLKAAAACRAAKLQDCTMLVNGDD
LVVICESAGTQEDEASLRAFTEAMTRYSAPPGDPPKPEYDLELITSCSSNVSVAHDASGKRVYYLTRDPTTPLARAAWET
ARHTPVNSWLGNIIMYAPTLWARMILMTHFFSILLAQEQLEKALDCQIYGACYSIEPLDLPQIIQRLHGLSAFSLHSYSP
GEINRVASCLRKLGVPPLRVWRHRARSVRARLLSQGGRAATCGKYLFNWAVRTKLKLTPIPAASQLDLSSWFVAGYSGGD
IYHSLSRARPRWFM
;
_entity_poly.pdbx_strand_id   A,B
#
loop_
_chem_comp.id
_chem_comp.type
_chem_comp.name
_chem_comp.formula
23E non-polymer '(2E)-3-(4-{[(1-{[(13-cyclohexyl-6-oxo-6,7-dihydro-5H-indolo[1,2-d][1,4]benzodiazepin-10-yl)carbonyl]amino}cyclopentyl)carbonyl]amino}phenyl)prop-2-enoic acid' 'C38 H38 N4 O5'
8XM non-polymer 2-(4-fluorophenyl)-N-methyl-5-[3-({2-methyl-1-oxo-1-[(1,3,4-thiadiazol-2-yl)amino]propan-2-yl}carbamoyl)phenyl]-1-benzofuran-3-carboxamide 'C29 H24 F N5 O4 S'
GOL non-polymer GLYCEROL 'C3 H8 O3'
SO4 non-polymer 'SULFATE ION' 'O4 S -2'
#
# COMPACT_ATOMS: atom_id res chain seq x y z
N SER A 2 -13.59 6.25 -22.63
CA SER A 2 -13.49 5.29 -23.74
C SER A 2 -14.72 4.40 -23.79
N MET A 3 -14.87 3.66 -24.92
CA MET A 3 -15.98 2.70 -25.11
C MET A 3 -15.76 1.47 -24.22
N SER A 4 -16.84 0.99 -23.58
CA SER A 4 -16.80 -0.20 -22.71
C SER A 4 -16.39 -1.43 -23.53
N TYR A 5 -16.93 -1.51 -24.77
CA TYR A 5 -16.64 -2.56 -25.75
C TYR A 5 -16.62 -2.04 -27.17
N THR A 6 -15.82 -2.71 -28.00
CA THR A 6 -15.79 -2.52 -29.44
C THR A 6 -15.91 -3.88 -30.06
N TRP A 7 -16.72 -3.96 -31.11
CA TRP A 7 -17.04 -5.21 -31.77
C TRP A 7 -16.67 -5.24 -33.23
N THR A 8 -16.13 -6.39 -33.63
CA THR A 8 -15.76 -6.63 -35.01
C THR A 8 -17.01 -7.08 -35.79
N GLY A 9 -18.01 -7.54 -35.05
CA GLY A 9 -19.26 -8.03 -35.62
C GLY A 9 -19.35 -9.55 -35.63
N ALA A 10 -18.21 -10.22 -35.28
CA ALA A 10 -18.10 -11.68 -35.16
C ALA A 10 -19.11 -12.11 -34.10
N LEU A 11 -19.95 -13.08 -34.43
CA LEU A 11 -21.01 -13.53 -33.53
C LEU A 11 -20.47 -14.27 -32.32
N ILE A 12 -21.18 -14.14 -31.18
CA ILE A 12 -20.83 -14.82 -29.94
C ILE A 12 -21.26 -16.27 -30.16
N THR A 13 -20.26 -17.14 -30.32
CA THR A 13 -20.47 -18.55 -30.63
C THR A 13 -20.58 -19.43 -29.39
N PRO A 14 -21.57 -20.36 -29.35
CA PRO A 14 -21.68 -21.28 -28.20
C PRO A 14 -20.74 -22.49 -28.34
N CYS A 15 -20.34 -23.10 -27.21
CA CYS A 15 -19.45 -24.26 -27.17
C CYS A 15 -20.10 -25.53 -27.72
N VAL A 38 -40.71 -22.26 -18.24
CA VAL A 38 -39.25 -22.26 -18.10
C VAL A 38 -38.54 -22.25 -19.46
N TYR A 39 -37.84 -21.15 -19.77
CA TYR A 39 -37.04 -20.99 -20.99
C TYR A 39 -35.60 -20.60 -20.60
N ALA A 40 -34.62 -20.93 -21.44
CA ALA A 40 -33.23 -20.58 -21.20
C ALA A 40 -32.72 -19.68 -22.33
N THR A 41 -32.17 -18.49 -21.99
CA THR A 41 -31.62 -17.54 -22.96
C THR A 41 -30.34 -18.07 -23.65
N THR A 42 -30.37 -18.08 -25.01
CA THR A 42 -29.29 -18.58 -25.88
C THR A 42 -28.39 -17.44 -26.41
N SER A 43 -27.32 -17.81 -27.15
CA SER A 43 -26.34 -16.88 -27.75
C SER A 43 -26.87 -16.10 -29.00
N ARG A 44 -28.15 -16.32 -29.36
CA ARG A 44 -28.86 -15.66 -30.47
C ARG A 44 -29.39 -14.30 -30.00
N SER A 45 -29.79 -14.22 -28.71
CA SER A 45 -30.32 -13.03 -28.02
C SER A 45 -29.21 -12.19 -27.36
N ALA A 46 -27.94 -12.61 -27.56
CA ALA A 46 -26.73 -11.96 -27.04
C ALA A 46 -26.46 -10.60 -27.72
N SER A 47 -27.01 -10.40 -28.95
CA SER A 47 -26.87 -9.17 -29.76
C SER A 47 -27.59 -7.96 -29.14
N LEU A 48 -28.72 -8.21 -28.43
CA LEU A 48 -29.53 -7.20 -27.74
C LEU A 48 -28.74 -6.65 -26.55
N ARG A 49 -28.03 -7.56 -25.84
CA ARG A 49 -27.18 -7.28 -24.68
C ARG A 49 -25.98 -6.40 -25.07
N GLN A 50 -25.37 -6.65 -26.26
CA GLN A 50 -24.24 -5.90 -26.81
C GLN A 50 -24.53 -4.40 -26.93
N LYS A 51 -25.73 -4.01 -27.42
CA LYS A 51 -26.14 -2.61 -27.55
C LYS A 51 -26.21 -1.89 -26.17
N LYS A 52 -26.76 -2.58 -25.16
CA LYS A 52 -26.95 -2.09 -23.78
C LYS A 52 -25.59 -1.82 -23.08
N VAL A 53 -24.68 -2.84 -23.10
CA VAL A 53 -23.35 -2.85 -22.48
C VAL A 53 -22.29 -1.97 -23.23
N THR A 54 -22.61 -1.46 -24.46
CA THR A 54 -21.66 -0.66 -25.25
C THR A 54 -22.00 0.82 -25.20
N PHE A 55 -21.08 1.62 -24.62
CA PHE A 55 -21.16 3.08 -24.45
C PHE A 55 -19.82 3.67 -23.98
N ASP A 56 -19.60 4.96 -24.27
CA ASP A 56 -18.41 5.69 -23.80
C ASP A 56 -18.68 6.15 -22.35
N ARG A 57 -17.64 6.17 -21.50
CA ARG A 57 -17.81 6.55 -20.09
C ARG A 57 -17.33 7.94 -19.76
N LEU A 58 -18.19 8.68 -19.06
CA LEU A 58 -17.92 10.03 -18.55
C LEU A 58 -17.79 9.93 -17.03
N GLN A 59 -16.58 10.24 -16.50
CA GLN A 59 -16.28 10.16 -15.08
C GLN A 59 -15.58 11.43 -14.56
N VAL A 60 -16.20 12.10 -13.58
CA VAL A 60 -15.68 13.31 -12.92
C VAL A 60 -15.57 13.01 -11.44
N LEU A 61 -14.34 13.12 -10.88
CA LEU A 61 -14.03 12.86 -9.46
C LEU A 61 -13.91 14.13 -8.63
N ASP A 62 -14.17 14.02 -7.32
CA ASP A 62 -14.12 15.15 -6.39
C ASP A 62 -13.33 14.84 -5.10
N ASP A 63 -13.35 15.79 -4.16
CA ASP A 63 -12.61 15.68 -2.92
C ASP A 63 -13.14 14.60 -2.03
N HIS A 64 -14.47 14.41 -2.01
CA HIS A 64 -15.14 13.35 -1.26
C HIS A 64 -14.66 11.95 -1.69
N TYR A 65 -14.57 11.74 -3.01
CA TYR A 65 -14.08 10.51 -3.62
C TYR A 65 -12.62 10.23 -3.17
N ARG A 66 -11.76 11.26 -3.24
CA ARG A 66 -10.34 11.21 -2.88
C ARG A 66 -10.13 11.00 -1.40
N ASP A 67 -11.02 11.58 -0.57
CA ASP A 67 -10.98 11.43 0.89
C ASP A 67 -11.25 9.97 1.29
N VAL A 68 -12.41 9.42 0.80
CA VAL A 68 -12.84 8.05 1.05
C VAL A 68 -11.74 7.07 0.58
N LEU A 69 -11.23 7.31 -0.63
CA LEU A 69 -10.15 6.52 -1.17
C LEU A 69 -8.97 6.43 -0.21
N LYS A 70 -8.51 7.57 0.31
CA LYS A 70 -7.38 7.63 1.25
C LYS A 70 -7.72 6.86 2.55
N GLU A 71 -8.97 7.01 3.07
CA GLU A 71 -9.38 6.28 4.28
C GLU A 71 -9.38 4.76 4.03
N MET A 72 -9.83 4.35 2.83
CA MET A 72 -9.81 2.97 2.38
C MET A 72 -8.36 2.42 2.28
N LYS A 73 -7.46 3.18 1.59
CA LYS A 73 -6.03 2.81 1.41
C LYS A 73 -5.33 2.64 2.76
N ALA A 74 -5.69 3.49 3.76
CA ALA A 74 -5.11 3.46 5.10
C ALA A 74 -5.43 2.13 5.82
N LYS A 75 -6.66 1.61 5.58
CA LYS A 75 -7.11 0.34 6.14
C LYS A 75 -6.47 -0.85 5.37
N ALA A 76 -6.31 -0.73 4.04
CA ALA A 76 -5.65 -1.73 3.20
C ALA A 76 -4.21 -1.96 3.63
N SER A 77 -3.54 -0.86 4.08
CA SER A 77 -2.15 -0.83 4.57
C SER A 77 -1.87 -1.82 5.70
N THR A 78 -2.91 -2.22 6.44
CA THR A 78 -2.84 -3.16 7.57
C THR A 78 -2.82 -4.59 7.12
N VAL A 79 -3.07 -4.85 5.83
CA VAL A 79 -3.11 -6.21 5.28
C VAL A 79 -1.75 -6.72 4.79
N LYS A 80 -1.45 -8.02 5.09
CA LYS A 80 -0.33 -8.84 4.61
C LYS A 80 -0.94 -9.98 3.76
N ALA A 81 -0.49 -10.19 2.52
CA ALA A 81 -1.06 -11.26 1.69
C ALA A 81 -0.03 -12.29 1.26
N LYS A 82 -0.33 -13.58 1.43
CA LYS A 82 0.58 -14.66 1.04
C LYS A 82 0.44 -14.92 -0.44
N LEU A 83 1.53 -15.35 -1.06
CA LEU A 83 1.58 -15.75 -2.47
C LEU A 83 1.32 -17.26 -2.46
N LEU A 84 0.22 -17.70 -3.08
CA LEU A 84 -0.14 -19.11 -3.19
C LEU A 84 0.82 -19.84 -4.11
N SER A 85 1.10 -21.12 -3.80
CA SER A 85 2.00 -21.98 -4.58
C SER A 85 1.19 -22.54 -5.77
N VAL A 86 1.87 -23.10 -6.80
CA VAL A 86 1.20 -23.71 -7.97
C VAL A 86 0.12 -24.71 -7.52
N GLU A 87 0.50 -25.65 -6.64
CA GLU A 87 -0.37 -26.70 -6.08
C GLU A 87 -1.55 -26.15 -5.31
N GLU A 88 -1.30 -25.18 -4.38
CA GLU A 88 -2.35 -24.50 -3.59
C GLU A 88 -3.40 -23.91 -4.53
N ALA A 89 -2.93 -23.22 -5.61
CA ALA A 89 -3.79 -22.60 -6.62
C ALA A 89 -4.52 -23.60 -7.50
N CYS A 90 -3.84 -24.74 -7.83
CA CYS A 90 -4.39 -25.81 -8.68
C CYS A 90 -5.58 -26.50 -7.99
N LYS A 91 -5.39 -26.83 -6.70
CA LYS A 91 -6.35 -27.44 -5.81
C LYS A 91 -7.64 -26.58 -5.60
N LEU A 92 -7.63 -25.28 -5.99
CA LEU A 92 -8.77 -24.36 -5.85
C LEU A 92 -9.59 -24.34 -7.12
N THR A 93 -9.08 -25.01 -8.18
CA THR A 93 -9.73 -24.99 -9.50
C THR A 93 -10.99 -25.84 -9.53
N PRO A 94 -12.16 -25.31 -10.00
CA PRO A 94 -13.37 -26.15 -10.12
C PRO A 94 -13.15 -27.29 -11.14
N PRO A 95 -13.61 -28.55 -10.88
CA PRO A 95 -13.36 -29.62 -11.86
C PRO A 95 -14.05 -29.43 -13.21
N HIS A 96 -15.06 -28.55 -13.30
CA HIS A 96 -15.72 -28.31 -14.57
C HIS A 96 -15.37 -26.95 -15.16
N SER A 97 -14.24 -26.38 -14.70
CA SER A 97 -13.67 -25.11 -15.15
C SER A 97 -13.19 -25.28 -16.59
N ALA A 98 -13.61 -24.36 -17.50
CA ALA A 98 -13.26 -24.35 -18.93
C ALA A 98 -11.82 -24.76 -19.22
N ARG A 99 -11.64 -25.77 -20.10
CA ARG A 99 -10.31 -26.28 -20.42
C ARG A 99 -9.46 -25.25 -21.13
N SER A 100 -8.16 -25.38 -20.97
CA SER A 100 -7.18 -24.50 -21.58
C SER A 100 -7.08 -24.74 -23.09
N LYS A 101 -6.94 -23.65 -23.86
CA LYS A 101 -6.71 -23.71 -25.30
C LYS A 101 -5.27 -24.26 -25.59
N PHE A 102 -4.52 -24.63 -24.53
CA PHE A 102 -3.19 -25.20 -24.63
C PHE A 102 -3.22 -26.71 -24.30
N GLY A 103 -4.37 -27.32 -24.60
CA GLY A 103 -4.63 -28.74 -24.45
C GLY A 103 -4.34 -29.37 -23.10
N TYR A 104 -5.16 -29.02 -22.10
CA TYR A 104 -5.22 -29.52 -20.72
C TYR A 104 -6.43 -28.87 -20.11
N GLY A 105 -7.05 -29.55 -19.15
CA GLY A 105 -8.27 -29.07 -18.52
C GLY A 105 -8.21 -29.11 -17.03
N ALA A 106 -9.33 -28.67 -16.39
CA ALA A 106 -9.49 -28.58 -14.93
C ALA A 106 -9.01 -29.83 -14.16
N LYS A 107 -9.28 -31.06 -14.71
CA LYS A 107 -8.88 -32.33 -14.10
C LYS A 107 -7.36 -32.45 -14.00
N ASP A 108 -6.62 -32.14 -15.09
CA ASP A 108 -5.15 -32.19 -15.20
C ASP A 108 -4.51 -31.25 -14.16
N VAL A 109 -5.08 -30.03 -14.05
CA VAL A 109 -4.69 -28.96 -13.11
C VAL A 109 -4.84 -29.52 -11.69
N ARG A 110 -6.07 -29.99 -11.35
CA ARG A 110 -6.41 -30.55 -10.04
C ARG A 110 -5.53 -31.74 -9.67
N ASN A 111 -5.04 -32.49 -10.69
CA ASN A 111 -4.20 -33.67 -10.53
C ASN A 111 -2.72 -33.36 -10.56
N LEU A 112 -2.36 -32.07 -10.77
CA LEU A 112 -0.99 -31.60 -10.85
C LEU A 112 -0.21 -32.26 -12.00
N SER A 113 -0.86 -32.36 -13.18
CA SER A 113 -0.28 -32.93 -14.40
C SER A 113 0.87 -32.06 -14.87
N SER A 114 2.04 -32.66 -15.15
CA SER A 114 3.25 -31.96 -15.60
C SER A 114 3.00 -30.98 -16.74
N LYS A 115 2.13 -31.33 -17.70
CA LYS A 115 1.78 -30.44 -18.81
C LYS A 115 1.09 -29.17 -18.28
N ALA A 116 0.08 -29.32 -17.40
CA ALA A 116 -0.68 -28.22 -16.77
C ALA A 116 0.26 -27.35 -15.91
N VAL A 117 0.90 -27.97 -14.90
CA VAL A 117 1.86 -27.33 -14.00
C VAL A 117 2.96 -26.56 -14.79
N ASN A 118 3.52 -27.17 -15.84
CA ASN A 118 4.53 -26.51 -16.67
C ASN A 118 3.99 -25.35 -17.48
N HIS A 119 2.73 -25.44 -17.94
N HIS A 119 2.73 -25.40 -17.95
CA HIS A 119 2.05 -24.40 -18.71
CA HIS A 119 2.18 -24.25 -18.69
C HIS A 119 1.62 -23.22 -17.83
C HIS A 119 1.89 -23.12 -17.73
N ILE A 120 1.42 -23.46 -16.50
CA ILE A 120 1.09 -22.48 -15.47
C ILE A 120 2.35 -21.69 -15.10
N ARG A 121 3.47 -22.41 -14.83
CA ARG A 121 4.77 -21.85 -14.48
C ARG A 121 5.30 -20.88 -15.57
N SER A 122 4.93 -21.15 -16.82
CA SER A 122 5.28 -20.31 -17.97
C SER A 122 4.42 -19.05 -18.07
N VAL A 123 3.13 -19.19 -17.80
CA VAL A 123 2.18 -18.07 -17.80
C VAL A 123 2.58 -17.04 -16.71
N TRP A 124 3.01 -17.57 -15.55
CA TRP A 124 3.45 -16.84 -14.38
C TRP A 124 4.72 -16.07 -14.70
N LYS A 125 5.69 -16.76 -15.36
CA LYS A 125 6.99 -16.21 -15.78
C LYS A 125 6.73 -15.05 -16.74
N ASP A 126 5.79 -15.25 -17.68
CA ASP A 126 5.42 -14.25 -18.67
C ASP A 126 4.80 -13.03 -18.01
N LEU A 127 4.03 -13.23 -16.92
CA LEU A 127 3.41 -12.13 -16.17
C LEU A 127 4.49 -11.35 -15.42
N LEU A 128 5.54 -12.03 -14.97
CA LEU A 128 6.63 -11.38 -14.29
C LEU A 128 7.56 -10.68 -15.25
N GLU A 129 7.54 -11.08 -16.52
CA GLU A 129 8.51 -10.56 -17.47
C GLU A 129 7.91 -9.64 -18.54
N ASP A 130 6.63 -9.77 -18.82
CA ASP A 130 5.95 -8.95 -19.81
C ASP A 130 4.92 -8.09 -19.06
N THR A 131 5.09 -6.78 -19.15
CA THR A 131 4.26 -5.82 -18.44
C THR A 131 3.18 -5.15 -19.29
N GLU A 132 3.23 -5.21 -20.64
CA GLU A 132 2.28 -4.44 -21.47
C GLU A 132 1.35 -5.23 -22.39
N THR A 133 1.84 -6.35 -22.95
CA THR A 133 1.07 -7.14 -23.92
C THR A 133 -0.30 -7.61 -23.42
N PRO A 134 -1.42 -7.12 -24.02
CA PRO A 134 -2.74 -7.60 -23.58
C PRO A 134 -2.88 -9.12 -23.64
N ILE A 135 -3.62 -9.65 -22.68
CA ILE A 135 -3.91 -11.07 -22.55
C ILE A 135 -5.29 -11.26 -23.19
N ASP A 136 -5.40 -12.31 -23.99
CA ASP A 136 -6.66 -12.63 -24.64
C ASP A 136 -7.67 -13.20 -23.65
N THR A 137 -8.94 -12.81 -23.86
CA THR A 137 -10.11 -13.26 -23.13
C THR A 137 -11.11 -13.88 -24.11
N THR A 138 -11.94 -14.80 -23.59
CA THR A 138 -13.02 -15.46 -24.31
C THR A 138 -14.31 -14.80 -23.86
N ILE A 139 -15.14 -14.42 -24.81
CA ILE A 139 -16.47 -13.86 -24.55
C ILE A 139 -17.48 -14.96 -24.93
N MET A 140 -18.46 -15.18 -24.06
CA MET A 140 -19.49 -16.20 -24.23
C MET A 140 -20.78 -15.68 -23.63
N ALA A 141 -21.91 -16.25 -24.04
CA ALA A 141 -23.18 -15.88 -23.45
C ALA A 141 -23.45 -16.90 -22.35
N LYS A 142 -23.94 -16.40 -21.20
CA LYS A 142 -24.31 -17.22 -20.06
C LYS A 142 -25.79 -17.55 -20.26
N ASN A 143 -26.09 -18.87 -20.39
CA ASN A 143 -27.45 -19.36 -20.60
C ASN A 143 -28.16 -19.44 -19.26
N GLU A 144 -29.06 -18.47 -19.02
CA GLU A 144 -29.84 -18.36 -17.80
C GLU A 144 -31.29 -18.68 -18.06
N VAL A 145 -31.82 -19.56 -17.21
CA VAL A 145 -33.19 -20.02 -17.27
C VAL A 145 -34.06 -19.00 -16.53
N PHE A 146 -35.20 -18.65 -17.15
CA PHE A 146 -36.18 -17.69 -16.63
C PHE A 146 -37.62 -18.22 -16.78
N CYS A 147 -38.62 -17.35 -16.50
CA CYS A 147 -40.04 -17.70 -16.52
C CYS A 147 -40.80 -17.11 -17.71
N VAL A 148 -40.63 -15.79 -17.94
CA VAL A 148 -41.26 -14.96 -18.98
C VAL A 148 -42.65 -14.46 -18.54
N GLN A 149 -42.65 -13.26 -17.94
CA GLN A 149 -43.83 -12.53 -17.48
C GLN A 149 -44.45 -11.80 -18.68
N PRO A 150 -45.67 -12.20 -19.14
CA PRO A 150 -46.29 -11.52 -20.28
C PRO A 150 -46.83 -10.13 -19.96
N GLU A 151 -47.16 -9.88 -18.67
CA GLU A 151 -47.68 -8.60 -18.16
C GLU A 151 -46.59 -7.53 -18.01
N LYS A 152 -45.35 -7.96 -17.63
CA LYS A 152 -44.17 -7.09 -17.45
C LYS A 152 -43.58 -6.58 -18.78
N GLY A 153 -43.89 -7.28 -19.88
CA GLY A 153 -43.44 -6.94 -21.22
C GLY A 153 -43.04 -8.14 -22.06
N GLY A 154 -41.76 -8.16 -22.45
CA GLY A 154 -41.16 -9.22 -23.26
C GLY A 154 -40.01 -9.94 -22.58
N ARG A 155 -39.14 -10.58 -23.39
CA ARG A 155 -37.97 -11.35 -22.96
C ARG A 155 -36.75 -10.47 -22.59
N LYS A 156 -35.80 -11.05 -21.82
CA LYS A 156 -34.56 -10.42 -21.35
C LYS A 156 -33.32 -11.05 -22.03
N PRO A 157 -32.31 -10.24 -22.47
CA PRO A 157 -31.14 -10.83 -23.15
C PRO A 157 -30.18 -11.62 -22.24
N ALA A 158 -29.34 -12.50 -22.85
CA ALA A 158 -28.35 -13.32 -22.13
C ALA A 158 -27.18 -12.47 -21.67
N ARG A 159 -26.68 -12.73 -20.44
CA ARG A 159 -25.52 -12.01 -19.89
C ARG A 159 -24.24 -12.53 -20.52
N LEU A 160 -23.18 -11.70 -20.57
CA LEU A 160 -21.93 -12.07 -21.19
C LEU A 160 -20.88 -12.45 -20.15
N ILE A 161 -20.10 -13.49 -20.45
CA ILE A 161 -19.06 -13.95 -19.55
C ILE A 161 -17.69 -13.81 -20.24
N VAL A 162 -16.83 -12.93 -19.69
CA VAL A 162 -15.50 -12.66 -20.23
C VAL A 162 -14.47 -13.26 -19.32
N PHE A 163 -13.63 -14.16 -19.84
CA PHE A 163 -12.66 -14.85 -19.00
C PHE A 163 -11.34 -15.21 -19.72
N PRO A 164 -10.20 -15.15 -19.00
CA PRO A 164 -8.93 -15.54 -19.63
C PRO A 164 -8.79 -17.08 -19.60
N ASP A 165 -7.73 -17.57 -20.21
CA ASP A 165 -7.43 -18.99 -20.22
C ASP A 165 -7.16 -19.55 -18.84
N LEU A 166 -7.41 -20.86 -18.69
CA LEU A 166 -7.17 -21.65 -17.49
C LEU A 166 -5.81 -21.36 -16.81
N GLY A 167 -4.76 -21.28 -17.62
CA GLY A 167 -3.42 -20.98 -17.13
C GLY A 167 -3.32 -19.65 -16.40
N VAL A 168 -3.91 -18.59 -17.00
CA VAL A 168 -3.96 -17.24 -16.45
C VAL A 168 -4.74 -17.29 -15.14
N ARG A 169 -5.90 -17.99 -15.15
CA ARG A 169 -6.79 -18.16 -14.02
C ARG A 169 -6.12 -18.77 -12.79
N VAL A 170 -5.21 -19.72 -12.97
CA VAL A 170 -4.47 -20.31 -11.87
C VAL A 170 -3.46 -19.28 -11.33
N CYS A 171 -2.81 -18.54 -12.21
CA CYS A 171 -1.84 -17.49 -11.86
C CYS A 171 -2.53 -16.36 -11.06
N GLU A 172 -3.76 -15.99 -11.46
CA GLU A 172 -4.55 -14.99 -10.75
C GLU A 172 -4.69 -15.39 -9.28
N LYS A 173 -5.00 -16.69 -9.02
CA LYS A 173 -5.15 -17.24 -7.69
C LYS A 173 -3.87 -17.17 -6.89
N MET A 174 -2.72 -17.46 -7.53
CA MET A 174 -1.42 -17.43 -6.89
C MET A 174 -1.10 -16.06 -6.30
N ALA A 175 -1.35 -15.02 -7.08
CA ALA A 175 -1.09 -13.61 -6.82
C ALA A 175 -2.14 -12.89 -5.96
N LEU A 176 -3.44 -13.20 -6.17
CA LEU A 176 -4.52 -12.45 -5.55
C LEU A 176 -5.56 -13.18 -4.69
N TYR A 177 -5.51 -14.52 -4.62
CA TYR A 177 -6.51 -15.23 -3.82
C TYR A 177 -6.48 -14.76 -2.35
N ASP A 178 -5.27 -14.70 -1.74
CA ASP A 178 -5.14 -14.24 -0.36
C ASP A 178 -5.51 -12.77 -0.20
N VAL A 179 -5.30 -11.95 -1.26
CA VAL A 179 -5.65 -10.54 -1.25
C VAL A 179 -7.16 -10.41 -1.16
N VAL A 180 -7.92 -11.00 -2.12
CA VAL A 180 -9.39 -10.91 -2.21
C VAL A 180 -10.14 -11.59 -1.05
N SER A 181 -9.47 -12.46 -0.33
CA SER A 181 -10.05 -13.17 0.79
C SER A 181 -9.94 -12.36 2.06
N THR A 182 -8.89 -11.52 2.21
CA THR A 182 -8.65 -10.77 3.44
C THR A 182 -8.78 -9.22 3.32
N LEU A 183 -8.47 -8.65 2.16
CA LEU A 183 -8.48 -7.19 1.99
C LEU A 183 -9.88 -6.53 2.08
N PRO A 184 -10.93 -7.01 1.35
CA PRO A 184 -12.23 -6.33 1.43
C PRO A 184 -12.79 -6.12 2.84
N GLN A 185 -12.63 -7.10 3.75
CA GLN A 185 -13.13 -7.00 5.12
C GLN A 185 -12.26 -6.02 5.90
N ALA A 186 -10.94 -6.00 5.63
CA ALA A 186 -10.06 -5.06 6.31
C ALA A 186 -10.42 -3.61 5.96
N VAL A 187 -10.77 -3.36 4.68
CA VAL A 187 -11.13 -2.04 4.18
C VAL A 187 -12.51 -1.62 4.57
N MET A 188 -13.51 -2.51 4.39
CA MET A 188 -14.93 -2.17 4.55
C MET A 188 -15.57 -2.62 5.81
N GLY A 189 -14.93 -3.52 6.54
CA GLY A 189 -15.48 -4.03 7.78
C GLY A 189 -16.83 -4.68 7.61
N SER A 190 -17.77 -4.28 8.47
CA SER A 190 -19.13 -4.81 8.53
C SER A 190 -19.91 -4.50 7.27
N SER A 191 -19.47 -3.49 6.46
CA SER A 191 -20.13 -3.12 5.20
C SER A 191 -19.89 -4.11 4.09
N TYR A 192 -18.89 -5.03 4.27
CA TYR A 192 -18.57 -6.07 3.30
C TYR A 192 -19.56 -7.23 3.32
N GLY A 193 -20.46 -7.24 2.33
CA GLY A 193 -21.53 -8.21 2.20
C GLY A 193 -21.13 -9.67 2.21
N PHE A 194 -20.10 -10.01 1.40
CA PHE A 194 -19.69 -11.40 1.19
C PHE A 194 -19.15 -12.11 2.41
N GLN A 195 -18.93 -11.40 3.52
CA GLN A 195 -18.41 -12.04 4.71
C GLN A 195 -19.49 -12.78 5.48
N TYR A 196 -20.76 -12.50 5.18
CA TYR A 196 -21.93 -13.02 5.88
C TYR A 196 -22.62 -14.26 5.33
N SER A 197 -23.01 -15.14 6.27
CA SER A 197 -23.88 -16.28 6.02
C SER A 197 -25.27 -15.60 5.92
N PRO A 198 -26.34 -16.22 5.37
CA PRO A 198 -27.63 -15.48 5.29
C PRO A 198 -28.18 -14.98 6.64
N GLY A 199 -28.00 -15.78 7.70
CA GLY A 199 -28.42 -15.45 9.07
C GLY A 199 -27.66 -14.24 9.61
N GLN A 200 -26.33 -14.20 9.42
CA GLN A 200 -25.50 -13.05 9.82
C GLN A 200 -25.87 -11.76 9.05
N ARG A 201 -26.18 -11.86 7.72
CA ARG A 201 -26.54 -10.75 6.88
C ARG A 201 -27.77 -10.06 7.43
N VAL A 202 -28.78 -10.85 7.77
CA VAL A 202 -30.05 -10.41 8.37
C VAL A 202 -29.80 -9.76 9.74
N GLU A 203 -28.96 -10.41 10.60
CA GLU A 203 -28.57 -9.87 11.90
C GLU A 203 -27.94 -8.45 11.74
N PHE A 204 -27.08 -8.27 10.73
CA PHE A 204 -26.45 -7.00 10.44
C PHE A 204 -27.51 -5.98 10.05
N LEU A 205 -28.35 -6.31 9.07
CA LEU A 205 -29.38 -5.41 8.59
C LEU A 205 -30.33 -4.98 9.68
N VAL A 206 -30.79 -5.96 10.51
CA VAL A 206 -31.75 -5.66 11.56
C VAL A 206 -31.14 -4.74 12.60
N ASN A 207 -29.94 -5.05 13.08
CA ASN A 207 -29.23 -4.22 14.04
C ASN A 207 -28.99 -2.82 13.47
N ALA A 208 -28.58 -2.73 12.20
CA ALA A 208 -28.39 -1.44 11.51
C ALA A 208 -29.67 -0.62 11.54
N TRP A 209 -30.82 -1.25 11.27
CA TRP A 209 -32.13 -0.61 11.27
C TRP A 209 -32.51 -0.15 12.68
N LYS A 210 -32.42 -1.08 13.67
CA LYS A 210 -32.72 -0.84 15.08
C LYS A 210 -31.86 0.27 15.68
N ALA A 211 -30.59 0.37 15.24
CA ALA A 211 -29.63 1.37 15.69
C ALA A 211 -30.01 2.83 15.38
N LYS A 212 -30.86 3.08 14.37
CA LYS A 212 -31.27 4.44 14.01
C LYS A 212 -32.49 4.88 14.83
N LYS A 213 -32.58 6.20 15.13
CA LYS A 213 -33.70 6.80 15.86
C LYS A 213 -34.96 6.65 14.98
N CYS A 214 -34.88 7.13 13.73
CA CYS A 214 -35.93 7.02 12.75
C CYS A 214 -35.29 6.56 11.42
N PRO A 215 -35.18 5.22 11.21
CA PRO A 215 -34.50 4.72 10.02
C PRO A 215 -35.22 4.88 8.68
N MET A 216 -34.41 5.07 7.63
CA MET A 216 -34.73 5.13 6.22
C MET A 216 -33.67 4.27 5.46
N GLY A 217 -34.11 3.61 4.41
CA GLY A 217 -33.21 2.78 3.63
C GLY A 217 -33.57 2.73 2.18
N PHE A 218 -32.61 2.36 1.32
CA PHE A 218 -32.81 2.24 -0.12
C PHE A 218 -31.77 1.32 -0.71
N ALA A 219 -32.10 0.74 -1.86
CA ALA A 219 -31.23 -0.10 -2.67
C ALA A 219 -30.77 0.73 -3.87
N TYR A 220 -29.48 0.69 -4.20
CA TYR A 220 -28.97 1.40 -5.37
C TYR A 220 -28.50 0.39 -6.40
N ASP A 221 -29.21 0.34 -7.52
CA ASP A 221 -28.89 -0.59 -8.59
C ASP A 221 -28.33 0.16 -9.79
N THR A 222 -27.05 -0.11 -10.11
CA THR A 222 -26.35 0.52 -11.22
C THR A 222 -26.67 -0.19 -12.54
N ARG A 223 -26.94 0.60 -13.63
CA ARG A 223 -27.21 0.13 -15.00
C ARG A 223 -25.87 -0.35 -15.54
N CYS A 224 -25.75 -1.66 -15.89
CA CYS A 224 -24.54 -2.38 -16.36
C CYS A 224 -23.31 -1.98 -15.55
N PHE A 225 -23.24 -2.41 -14.26
CA PHE A 225 -22.12 -2.06 -13.39
C PHE A 225 -20.74 -2.34 -14.01
N ASP A 226 -20.51 -3.55 -14.56
CA ASP A 226 -19.23 -3.89 -15.17
C ASP A 226 -18.82 -2.93 -16.28
N SER A 227 -19.80 -2.48 -17.08
CA SER A 227 -19.61 -1.53 -18.19
C SER A 227 -19.28 -0.12 -17.71
N THR A 228 -19.90 0.33 -16.59
CA THR A 228 -19.65 1.64 -15.97
C THR A 228 -18.21 1.72 -15.36
N VAL A 229 -17.58 0.55 -15.08
CA VAL A 229 -16.24 0.46 -14.51
C VAL A 229 -15.19 0.92 -15.54
N THR A 230 -14.56 2.07 -15.25
CA THR A 230 -13.56 2.71 -16.09
C THR A 230 -12.21 2.09 -15.83
N GLU A 231 -11.30 2.30 -16.76
CA GLU A 231 -9.93 1.84 -16.71
C GLU A 231 -9.16 2.57 -15.56
N ASN A 232 -9.69 3.75 -15.09
CA ASN A 232 -9.18 4.47 -13.93
C ASN A 232 -9.63 3.75 -12.64
N ASP A 233 -10.94 3.36 -12.58
CA ASP A 233 -11.56 2.61 -11.48
C ASP A 233 -10.72 1.39 -11.17
N ILE A 234 -10.29 0.68 -12.21
CA ILE A 234 -9.46 -0.53 -12.15
C ILE A 234 -8.06 -0.25 -11.62
N ARG A 235 -7.50 0.92 -11.90
CA ARG A 235 -6.17 1.33 -11.40
C ARG A 235 -6.31 1.74 -9.95
N VAL A 236 -7.39 2.46 -9.62
CA VAL A 236 -7.68 2.81 -8.22
C VAL A 236 -7.74 1.50 -7.38
N GLU A 237 -8.36 0.43 -7.87
CA GLU A 237 -8.40 -0.75 -7.05
C GLU A 237 -7.01 -1.41 -6.93
N GLU A 238 -6.18 -1.42 -8.02
CA GLU A 238 -4.81 -1.91 -7.93
C GLU A 238 -4.05 -1.07 -6.89
N SER A 239 -4.35 0.25 -6.80
CA SER A 239 -3.69 1.10 -5.82
C SER A 239 -3.99 0.64 -4.38
N ILE A 240 -5.20 0.09 -4.15
CA ILE A 240 -5.63 -0.42 -2.84
C ILE A 240 -4.91 -1.77 -2.61
N TYR A 241 -4.90 -2.67 -3.64
CA TYR A 241 -4.17 -3.95 -3.56
C TYR A 241 -2.70 -3.72 -3.23
N GLN A 242 -2.08 -2.72 -3.88
CA GLN A 242 -0.67 -2.34 -3.69
C GLN A 242 -0.30 -1.90 -2.25
N CYS A 243 -1.31 -1.58 -1.40
CA CYS A 243 -1.09 -1.19 0.02
C CYS A 243 -0.82 -2.45 0.88
N CYS A 244 -1.07 -3.66 0.35
CA CYS A 244 -0.82 -4.89 1.09
C CYS A 244 0.65 -5.11 1.24
N ASP A 245 1.03 -5.96 2.20
CA ASP A 245 2.38 -6.42 2.25
C ASP A 245 2.34 -7.63 1.28
N LEU A 246 2.91 -7.43 0.11
CA LEU A 246 2.97 -8.37 -0.98
C LEU A 246 4.41 -8.83 -1.23
N ALA A 247 4.54 -10.06 -1.72
CA ALA A 247 5.83 -10.61 -2.12
C ALA A 247 6.14 -9.95 -3.47
N PRO A 248 7.42 -9.72 -3.82
CA PRO A 248 7.71 -8.98 -5.06
C PRO A 248 7.09 -9.60 -6.33
N GLU A 249 6.98 -10.95 -6.40
CA GLU A 249 6.36 -11.62 -7.55
C GLU A 249 4.86 -11.32 -7.59
N ALA A 250 4.19 -11.34 -6.42
CA ALA A 250 2.77 -11.03 -6.28
C ALA A 250 2.49 -9.59 -6.76
N ARG A 251 3.41 -8.67 -6.38
CA ARG A 251 3.38 -7.25 -6.73
C ARG A 251 3.42 -7.06 -8.25
N GLN A 252 4.39 -7.75 -8.92
CA GLN A 252 4.55 -7.71 -10.37
C GLN A 252 3.38 -8.37 -11.08
N ALA A 253 2.91 -9.51 -10.55
CA ALA A 253 1.77 -10.20 -11.13
C ALA A 253 0.54 -9.29 -11.05
N ILE A 254 0.24 -8.70 -9.88
CA ILE A 254 -0.87 -7.76 -9.75
C ILE A 254 -0.72 -6.64 -10.75
N ARG A 255 0.51 -6.08 -10.89
CA ARG A 255 0.80 -4.95 -11.78
C ARG A 255 0.57 -5.32 -13.27
N SER A 256 1.19 -6.40 -13.71
CA SER A 256 1.04 -6.91 -15.07
C SER A 256 -0.40 -7.34 -15.39
N LEU A 257 -1.07 -8.08 -14.48
CA LEU A 257 -2.47 -8.47 -14.65
C LEU A 257 -3.37 -7.26 -14.75
N THR A 258 -3.02 -6.15 -14.07
CA THR A 258 -3.86 -4.98 -14.15
C THR A 258 -3.82 -4.39 -15.56
N GLU A 259 -2.60 -4.15 -16.05
CA GLU A 259 -2.32 -3.54 -17.35
C GLU A 259 -2.72 -4.44 -18.53
N ARG A 260 -2.36 -5.72 -18.48
CA ARG A 260 -2.59 -6.68 -19.54
C ARG A 260 -3.98 -7.36 -19.56
N LEU A 261 -4.68 -7.42 -18.39
CA LEU A 261 -5.95 -8.12 -18.31
C LEU A 261 -7.11 -7.28 -17.79
N TYR A 262 -7.03 -6.82 -16.54
CA TYR A 262 -8.11 -6.14 -15.84
C TYR A 262 -8.58 -4.83 -16.44
N ILE A 263 -7.67 -3.96 -16.96
CA ILE A 263 -8.10 -2.68 -17.57
C ILE A 263 -8.80 -2.91 -18.92
N GLY A 264 -8.57 -4.09 -19.50
CA GLY A 264 -9.16 -4.48 -20.78
C GLY A 264 -8.26 -5.34 -21.64
N GLY A 265 -8.69 -5.55 -22.88
CA GLY A 265 -8.01 -6.38 -23.88
C GLY A 265 -8.92 -6.95 -24.96
N PRO A 266 -8.31 -7.79 -25.84
CA PRO A 266 -9.10 -8.36 -26.96
C PRO A 266 -10.06 -9.47 -26.54
N LEU A 267 -11.25 -9.53 -27.23
CA LEU A 267 -12.34 -10.49 -27.02
C LEU A 267 -12.38 -11.52 -28.16
N THR A 268 -12.43 -12.81 -27.79
CA THR A 268 -12.41 -13.95 -28.70
C THR A 268 -13.58 -14.90 -28.42
N ASN A 269 -14.32 -15.34 -29.46
CA ASN A 269 -15.42 -16.30 -29.27
C ASN A 269 -14.89 -17.75 -29.12
N SER A 270 -15.80 -18.70 -28.75
CA SER A 270 -15.49 -20.13 -28.57
C SER A 270 -14.93 -20.79 -29.84
N LYS A 271 -15.25 -20.21 -31.02
CA LYS A 271 -14.77 -20.62 -32.35
C LYS A 271 -13.33 -20.08 -32.64
N GLY A 272 -12.76 -19.31 -31.72
CA GLY A 272 -11.40 -18.77 -31.88
C GLY A 272 -11.29 -17.50 -32.71
N GLN A 273 -12.43 -16.92 -33.11
CA GLN A 273 -12.47 -15.68 -33.89
C GLN A 273 -12.55 -14.44 -33.00
N ASN A 274 -11.84 -13.37 -33.38
CA ASN A 274 -11.80 -12.08 -32.70
C ASN A 274 -13.17 -11.36 -32.83
N CYS A 275 -13.84 -11.10 -31.66
CA CYS A 275 -15.15 -10.41 -31.54
C CYS A 275 -14.99 -8.93 -31.31
N GLY A 276 -13.82 -8.54 -30.84
CA GLY A 276 -13.57 -7.15 -30.57
C GLY A 276 -12.61 -6.89 -29.45
N TYR A 277 -12.88 -5.82 -28.69
CA TYR A 277 -12.01 -5.36 -27.61
C TYR A 277 -12.86 -4.85 -26.44
N ARG A 278 -12.36 -5.03 -25.20
CA ARG A 278 -13.01 -4.60 -23.96
C ARG A 278 -12.17 -3.53 -23.19
N ARG A 279 -12.86 -2.51 -22.56
CA ARG A 279 -12.23 -1.46 -21.72
C ARG A 279 -12.96 -1.24 -20.39
N CYS A 280 -13.57 -2.30 -19.91
CA CYS A 280 -14.30 -2.30 -18.67
C CYS A 280 -14.00 -3.62 -17.88
N ARG A 281 -14.74 -3.82 -16.78
CA ARG A 281 -14.61 -4.99 -15.93
C ARG A 281 -14.90 -6.25 -16.72
N ALA A 282 -13.99 -7.24 -16.59
CA ALA A 282 -14.14 -8.59 -17.13
C ALA A 282 -14.93 -9.32 -16.02
N SER A 283 -16.08 -9.89 -16.36
CA SER A 283 -16.95 -10.58 -15.41
C SER A 283 -16.37 -11.90 -14.86
N GLY A 284 -15.48 -12.56 -15.63
CA GLY A 284 -14.88 -13.84 -15.28
C GLY A 284 -13.46 -13.85 -14.77
N VAL A 285 -13.06 -12.78 -14.04
CA VAL A 285 -11.74 -12.71 -13.44
C VAL A 285 -11.88 -12.82 -11.91
N LEU A 286 -10.80 -13.23 -11.22
CA LEU A 286 -10.82 -13.43 -9.77
C LEU A 286 -11.20 -12.14 -8.99
N THR A 287 -10.76 -10.96 -9.47
CA THR A 287 -11.00 -9.67 -8.83
C THR A 287 -12.36 -9.02 -9.18
N THR A 288 -13.24 -9.71 -9.92
CA THR A 288 -14.56 -9.16 -10.27
C THR A 288 -15.43 -8.76 -9.04
N SER A 289 -15.72 -9.71 -8.12
CA SER A 289 -16.56 -9.40 -6.96
C SER A 289 -15.90 -8.39 -6.06
N CYS A 290 -14.66 -8.69 -5.64
CA CYS A 290 -13.83 -7.86 -4.79
C CYS A 290 -13.68 -6.41 -5.31
N GLY A 291 -13.27 -6.29 -6.58
CA GLY A 291 -13.12 -5.02 -7.28
C GLY A 291 -14.41 -4.26 -7.40
N ASN A 292 -15.50 -4.97 -7.73
CA ASN A 292 -16.80 -4.34 -7.80
C ASN A 292 -17.26 -3.87 -6.45
N THR A 293 -16.97 -4.62 -5.39
CA THR A 293 -17.34 -4.28 -4.02
C THR A 293 -16.60 -3.02 -3.62
N LEU A 294 -15.27 -3.06 -3.71
CA LEU A 294 -14.43 -1.90 -3.38
C LEU A 294 -14.86 -0.64 -4.15
N THR A 295 -15.02 -0.75 -5.49
CA THR A 295 -15.41 0.35 -6.39
C THR A 295 -16.76 0.95 -6.00
N CYS A 296 -17.75 0.06 -5.84
CA CYS A 296 -19.10 0.43 -5.50
C CYS A 296 -19.12 1.10 -4.11
N TYR A 297 -18.42 0.51 -3.14
CA TYR A 297 -18.32 1.05 -1.80
C TYR A 297 -17.69 2.44 -1.84
N LEU A 298 -16.59 2.59 -2.58
CA LEU A 298 -15.87 3.86 -2.73
C LEU A 298 -16.82 4.93 -3.24
N LYS A 299 -17.40 4.72 -4.42
CA LYS A 299 -18.34 5.64 -5.02
C LYS A 299 -19.53 5.95 -4.09
N ALA A 300 -20.10 4.92 -3.43
CA ALA A 300 -21.25 5.06 -2.53
C ALA A 300 -20.95 5.83 -1.25
N ALA A 301 -19.79 5.59 -0.63
CA ALA A 301 -19.43 6.29 0.59
C ALA A 301 -19.18 7.80 0.29
N ALA A 302 -18.58 8.07 -0.91
CA ALA A 302 -18.28 9.41 -1.44
C ALA A 302 -19.60 10.13 -1.73
N ALA A 303 -20.56 9.42 -2.37
CA ALA A 303 -21.90 9.92 -2.67
C ALA A 303 -22.71 10.18 -1.37
N CYS A 304 -22.48 9.39 -0.31
CA CYS A 304 -23.15 9.60 0.98
C CYS A 304 -22.78 10.97 1.54
N ARG A 305 -21.49 11.34 1.38
CA ARG A 305 -20.96 12.63 1.81
C ARG A 305 -21.44 13.76 0.90
N ALA A 306 -21.33 13.56 -0.41
CA ALA A 306 -21.82 14.53 -1.40
C ALA A 306 -23.32 14.87 -1.16
N ALA A 307 -24.18 13.86 -0.87
CA ALA A 307 -25.61 14.04 -0.61
C ALA A 307 -25.91 14.36 0.84
N LYS A 308 -24.88 14.43 1.67
CA LYS A 308 -25.00 14.73 3.09
C LYS A 308 -26.09 13.88 3.82
N LEU A 309 -26.05 12.53 3.65
CA LEU A 309 -26.98 11.60 4.32
C LEU A 309 -26.46 11.46 5.73
N GLN A 310 -27.35 11.34 6.72
CA GLN A 310 -26.89 11.26 8.12
C GLN A 310 -26.85 9.84 8.62
N ASP A 311 -25.75 9.51 9.31
CA ASP A 311 -25.42 8.20 9.88
C ASP A 311 -25.74 7.03 8.92
N CYS A 312 -24.97 6.97 7.82
CA CYS A 312 -25.04 5.92 6.82
C CYS A 312 -24.44 4.63 7.27
N THR A 313 -25.16 3.57 6.99
CA THR A 313 -24.72 2.21 7.17
C THR A 313 -24.88 1.64 5.80
N MET A 314 -23.82 1.04 5.29
CA MET A 314 -23.85 0.47 3.96
C MET A 314 -23.62 -1.00 4.03
N LEU A 315 -24.27 -1.72 3.12
CA LEU A 315 -24.07 -3.13 2.89
C LEU A 315 -23.80 -3.24 1.38
N VAL A 316 -22.55 -3.56 1.04
CA VAL A 316 -22.10 -3.64 -0.36
C VAL A 316 -21.83 -5.11 -0.68
N ASN A 317 -22.44 -5.62 -1.73
CA ASN A 317 -22.32 -7.00 -2.16
C ASN A 317 -22.10 -7.07 -3.68
N GLY A 318 -20.85 -6.90 -4.10
CA GLY A 318 -20.48 -6.76 -5.52
C GLY A 318 -20.97 -5.42 -6.03
N ASP A 319 -21.78 -5.44 -7.09
CA ASP A 319 -22.42 -4.25 -7.69
C ASP A 319 -23.69 -3.82 -6.88
N ASP A 320 -24.18 -4.70 -5.96
CA ASP A 320 -25.38 -4.46 -5.14
C ASP A 320 -25.10 -3.64 -3.88
N LEU A 321 -25.91 -2.62 -3.70
CA LEU A 321 -25.80 -1.66 -2.63
C LEU A 321 -27.09 -1.39 -1.87
N VAL A 322 -27.02 -1.39 -0.53
CA VAL A 322 -28.13 -1.01 0.35
C VAL A 322 -27.62 0.04 1.34
N VAL A 323 -28.33 1.17 1.43
CA VAL A 323 -27.96 2.22 2.37
C VAL A 323 -29.06 2.40 3.42
N ILE A 324 -28.68 2.31 4.70
CA ILE A 324 -29.55 2.56 5.84
C ILE A 324 -28.99 3.78 6.57
N CYS A 325 -29.72 4.88 6.48
CA CYS A 325 -29.35 6.13 7.11
C CYS A 325 -30.42 6.61 8.11
N GLU A 326 -30.32 7.89 8.48
CA GLU A 326 -31.21 8.57 9.42
C GLU A 326 -32.15 9.48 8.60
N SER A 327 -33.46 9.24 8.72
CA SER A 327 -34.49 10.00 8.00
C SER A 327 -34.53 11.45 8.45
N ALA A 328 -34.68 12.33 7.47
CA ALA A 328 -34.76 13.75 7.72
C ALA A 328 -36.12 14.25 7.19
N GLY A 329 -37.04 13.31 6.98
CA GLY A 329 -38.37 13.63 6.48
C GLY A 329 -38.52 13.29 5.03
N THR A 330 -39.71 12.87 4.65
CA THR A 330 -40.09 12.44 3.31
C THR A 330 -39.48 13.29 2.19
N GLN A 331 -39.67 14.62 2.24
CA GLN A 331 -39.20 15.54 1.20
C GLN A 331 -37.69 15.69 1.18
N GLU A 332 -37.07 15.72 2.37
CA GLU A 332 -35.62 15.83 2.53
C GLU A 332 -34.93 14.54 2.04
N ASP A 333 -35.51 13.36 2.41
CA ASP A 333 -35.05 12.04 2.01
C ASP A 333 -35.08 11.87 0.50
N GLU A 334 -36.14 12.37 -0.15
CA GLU A 334 -36.25 12.31 -1.61
C GLU A 334 -35.21 13.20 -2.25
N ALA A 335 -34.95 14.36 -1.62
CA ALA A 335 -33.95 15.31 -2.09
C ALA A 335 -32.55 14.71 -1.99
N SER A 336 -32.22 14.10 -0.82
CA SER A 336 -30.94 13.42 -0.55
C SER A 336 -30.65 12.31 -1.57
N LEU A 337 -31.67 11.50 -1.88
CA LEU A 337 -31.56 10.41 -2.85
C LEU A 337 -31.23 10.89 -4.23
N ARG A 338 -31.86 12.01 -4.69
CA ARG A 338 -31.58 12.60 -6.00
C ARG A 338 -30.12 13.09 -6.04
N ALA A 339 -29.64 13.68 -4.93
CA ALA A 339 -28.26 14.14 -4.80
C ALA A 339 -27.29 12.97 -4.86
N PHE A 340 -27.63 11.84 -4.13
CA PHE A 340 -26.85 10.62 -4.11
C PHE A 340 -26.71 10.08 -5.55
N THR A 341 -27.83 10.07 -6.28
CA THR A 341 -27.84 9.58 -7.65
C THR A 341 -26.98 10.44 -8.59
N GLU A 342 -27.04 11.79 -8.42
CA GLU A 342 -26.27 12.75 -9.22
C GLU A 342 -24.76 12.52 -8.99
N ALA A 343 -24.37 12.29 -7.72
CA ALA A 343 -22.97 12.01 -7.35
C ALA A 343 -22.49 10.71 -7.99
N MET A 344 -23.26 9.60 -7.82
CA MET A 344 -22.99 8.26 -8.38
C MET A 344 -22.81 8.33 -9.89
N THR A 345 -23.69 9.08 -10.55
CA THR A 345 -23.66 9.29 -12.00
C THR A 345 -22.35 9.98 -12.41
N ARG A 346 -21.93 11.01 -11.66
CA ARG A 346 -20.67 11.70 -11.92
C ARG A 346 -19.48 10.74 -11.78
N TYR A 347 -19.55 9.85 -10.75
CA TYR A 347 -18.54 8.81 -10.46
C TYR A 347 -18.52 7.69 -11.50
N SER A 348 -19.45 7.76 -12.49
CA SER A 348 -19.62 6.80 -13.57
C SER A 348 -20.32 5.55 -13.05
N ALA A 349 -21.42 5.73 -12.30
CA ALA A 349 -22.24 4.66 -11.76
C ALA A 349 -23.70 5.13 -11.81
N PRO A 350 -24.29 5.38 -13.02
CA PRO A 350 -25.68 5.86 -13.07
C PRO A 350 -26.64 4.74 -12.68
N PRO A 351 -27.90 5.06 -12.29
CA PRO A 351 -28.80 3.97 -11.89
C PRO A 351 -29.55 3.32 -13.05
N GLY A 352 -30.03 2.11 -12.79
CA GLY A 352 -30.91 1.40 -13.71
C GLY A 352 -32.27 1.99 -13.40
N ASP A 353 -32.78 1.67 -12.22
CA ASP A 353 -34.03 2.23 -11.69
C ASP A 353 -33.64 3.26 -10.63
N PRO A 354 -34.27 4.47 -10.61
CA PRO A 354 -33.92 5.45 -9.56
C PRO A 354 -34.31 4.91 -8.18
N PRO A 355 -33.46 5.14 -7.15
CA PRO A 355 -33.79 4.60 -5.82
C PRO A 355 -35.04 5.18 -5.16
N LYS A 356 -35.71 4.36 -4.35
CA LYS A 356 -36.91 4.72 -3.62
C LYS A 356 -36.58 4.65 -2.14
N PRO A 357 -36.96 5.66 -1.32
CA PRO A 357 -36.70 5.55 0.12
C PRO A 357 -37.74 4.62 0.74
N GLU A 358 -37.36 3.86 1.76
CA GLU A 358 -38.24 2.91 2.41
C GLU A 358 -38.23 3.14 3.89
N TYR A 359 -39.36 2.91 4.55
CA TYR A 359 -39.45 3.19 5.99
C TYR A 359 -39.76 1.91 6.84
N ASP A 360 -39.80 0.75 6.17
CA ASP A 360 -39.87 -0.61 6.72
C ASP A 360 -38.69 -1.35 6.08
N LEU A 361 -37.92 -2.06 6.91
CA LEU A 361 -36.77 -2.85 6.46
C LEU A 361 -37.19 -3.92 5.46
N GLU A 362 -38.36 -4.55 5.72
CA GLU A 362 -39.00 -5.59 4.90
C GLU A 362 -39.34 -5.06 3.51
N LEU A 363 -39.34 -3.74 3.32
CA LEU A 363 -39.68 -3.15 2.03
C LEU A 363 -38.50 -2.95 1.11
N ILE A 364 -37.27 -3.04 1.61
CA ILE A 364 -36.08 -2.93 0.74
C ILE A 364 -35.84 -4.26 -0.01
N THR A 365 -35.63 -4.20 -1.35
CA THR A 365 -35.29 -5.34 -2.20
C THR A 365 -33.87 -5.19 -2.75
N SER A 366 -32.97 -6.09 -2.34
CA SER A 366 -31.59 -6.17 -2.81
C SER A 366 -31.19 -7.62 -3.04
N CYS A 367 -30.38 -7.88 -4.09
CA CYS A 367 -29.98 -9.22 -4.54
C CYS A 367 -31.23 -10.06 -4.66
N SER A 368 -32.28 -9.43 -5.19
CA SER A 368 -33.61 -9.97 -5.44
C SER A 368 -34.32 -10.39 -4.18
N SER A 369 -33.77 -10.02 -3.01
CA SER A 369 -34.30 -10.43 -1.70
C SER A 369 -34.88 -9.34 -0.78
N ASN A 370 -35.70 -9.77 0.20
CA ASN A 370 -36.29 -8.94 1.24
C ASN A 370 -36.27 -9.72 2.58
N VAL A 371 -36.26 -8.99 3.68
CA VAL A 371 -36.23 -9.53 5.02
C VAL A 371 -37.68 -9.82 5.36
N SER A 372 -37.95 -11.01 5.89
CA SER A 372 -39.26 -11.31 6.41
C SER A 372 -39.09 -11.76 7.85
N VAL A 373 -40.21 -12.06 8.53
CA VAL A 373 -40.19 -12.51 9.94
C VAL A 373 -41.11 -13.74 10.07
N ALA A 374 -40.81 -14.63 11.03
CA ALA A 374 -41.62 -15.79 11.42
C ALA A 374 -41.39 -16.01 12.91
N HIS A 375 -41.89 -17.10 13.45
CA HIS A 375 -41.65 -17.53 14.83
C HIS A 375 -40.99 -18.86 14.80
N ASP A 376 -40.18 -19.13 15.82
CA ASP A 376 -39.58 -20.43 15.99
C ASP A 376 -40.56 -21.30 16.81
N ALA A 377 -40.07 -22.43 17.31
CA ALA A 377 -40.86 -23.41 18.05
C ALA A 377 -41.36 -22.87 19.37
N SER A 378 -40.67 -21.85 19.95
CA SER A 378 -41.04 -21.31 21.25
C SER A 378 -41.76 -19.95 21.19
N GLY A 379 -42.16 -19.50 20.00
CA GLY A 379 -42.86 -18.23 19.83
C GLY A 379 -41.98 -17.02 19.55
N LYS A 380 -40.68 -17.16 19.64
CA LYS A 380 -39.73 -16.08 19.41
C LYS A 380 -39.65 -15.69 17.94
N ARG A 381 -39.55 -14.37 17.68
CA ARG A 381 -39.42 -13.80 16.35
C ARG A 381 -38.08 -14.22 15.76
N VAL A 382 -38.05 -14.42 14.46
CA VAL A 382 -36.87 -14.80 13.73
C VAL A 382 -37.02 -14.08 12.42
N TYR A 383 -36.00 -13.30 12.07
CA TYR A 383 -35.90 -12.62 10.77
C TYR A 383 -35.23 -13.56 9.76
N TYR A 384 -35.53 -13.43 8.47
CA TYR A 384 -34.86 -14.25 7.45
C TYR A 384 -35.02 -13.63 6.09
N LEU A 385 -34.17 -14.01 5.16
CA LEU A 385 -34.24 -13.54 3.80
C LEU A 385 -35.13 -14.45 2.98
N THR A 386 -35.86 -13.84 2.07
CA THR A 386 -36.74 -14.51 1.13
C THR A 386 -36.67 -13.75 -0.18
N ARG A 387 -37.50 -14.12 -1.13
CA ARG A 387 -37.53 -13.50 -2.44
C ARG A 387 -38.76 -14.05 -3.16
N ASP A 388 -39.12 -13.45 -4.33
CA ASP A 388 -40.24 -13.97 -5.11
C ASP A 388 -39.80 -15.39 -5.59
N PRO A 389 -40.62 -16.43 -5.37
CA PRO A 389 -40.16 -17.77 -5.72
C PRO A 389 -40.24 -18.16 -7.20
N THR A 390 -40.83 -17.29 -8.07
CA THR A 390 -40.99 -17.57 -9.51
C THR A 390 -39.72 -18.08 -10.22
N THR A 391 -38.61 -17.33 -10.15
CA THR A 391 -37.39 -17.74 -10.82
C THR A 391 -36.80 -19.00 -10.18
N PRO A 392 -36.59 -19.07 -8.83
CA PRO A 392 -36.08 -20.32 -8.24
C PRO A 392 -36.88 -21.54 -8.67
N LEU A 393 -38.23 -21.44 -8.72
CA LEU A 393 -39.13 -22.54 -9.13
C LEU A 393 -39.00 -22.93 -10.58
N ALA A 394 -38.97 -21.95 -11.48
CA ALA A 394 -38.83 -22.16 -12.93
C ALA A 394 -37.49 -22.83 -13.24
N ARG A 395 -36.38 -22.31 -12.63
CA ARG A 395 -35.05 -22.86 -12.83
C ARG A 395 -34.98 -24.31 -12.37
N ALA A 396 -35.62 -24.62 -11.23
CA ALA A 396 -35.69 -25.97 -10.66
C ALA A 396 -36.50 -26.86 -11.58
N ALA A 397 -37.58 -26.31 -12.21
CA ALA A 397 -38.47 -27.06 -13.12
C ALA A 397 -37.69 -27.46 -14.36
N TRP A 398 -36.79 -26.57 -14.77
CA TRP A 398 -35.92 -26.81 -15.89
C TRP A 398 -34.86 -27.85 -15.54
N GLU A 399 -34.27 -27.73 -14.36
CA GLU A 399 -33.24 -28.64 -13.89
C GLU A 399 -33.76 -30.06 -13.70
N THR A 400 -35.03 -30.26 -13.30
CA THR A 400 -35.60 -31.63 -13.21
C THR A 400 -35.82 -32.18 -14.62
N ALA A 401 -36.24 -31.31 -15.57
CA ALA A 401 -36.49 -31.63 -16.98
C ALA A 401 -35.24 -32.12 -17.74
N ARG A 402 -34.10 -31.49 -17.49
CA ARG A 402 -32.86 -31.82 -18.19
C ARG A 402 -31.65 -31.67 -17.32
N HIS A 403 -30.76 -32.68 -17.37
CA HIS A 403 -29.52 -32.75 -16.63
C HIS A 403 -28.67 -31.49 -16.84
N THR A 404 -28.29 -30.83 -15.74
CA THR A 404 -27.47 -29.61 -15.76
C THR A 404 -26.31 -29.79 -14.80
N PRO A 405 -25.11 -29.28 -15.11
CA PRO A 405 -23.99 -29.47 -14.18
C PRO A 405 -23.99 -28.52 -13.00
N VAL A 406 -24.87 -27.50 -12.99
CA VAL A 406 -24.94 -26.59 -11.86
C VAL A 406 -26.41 -26.35 -11.51
N ASN A 407 -26.78 -26.75 -10.27
CA ASN A 407 -28.13 -26.78 -9.71
C ASN A 407 -28.43 -25.59 -8.85
N SER A 408 -29.22 -24.65 -9.41
CA SER A 408 -29.71 -23.52 -8.65
C SER A 408 -30.62 -24.01 -7.54
N TRP A 409 -31.33 -25.16 -7.75
CA TRP A 409 -32.24 -25.66 -6.72
C TRP A 409 -31.55 -25.94 -5.40
N LEU A 410 -30.32 -26.44 -5.43
CA LEU A 410 -29.63 -26.77 -4.20
C LEU A 410 -29.07 -25.52 -3.53
N GLY A 411 -28.70 -24.53 -4.35
CA GLY A 411 -28.22 -23.25 -3.85
C GLY A 411 -29.35 -22.50 -3.18
N ASN A 412 -30.56 -22.59 -3.80
CA ASN A 412 -31.77 -21.99 -3.27
C ASN A 412 -32.24 -22.62 -2.00
N ILE A 413 -32.05 -23.95 -1.82
CA ILE A 413 -32.39 -24.67 -0.58
C ILE A 413 -31.45 -24.13 0.51
N ILE A 414 -30.13 -24.12 0.24
CA ILE A 414 -29.13 -23.61 1.17
C ILE A 414 -29.34 -22.13 1.48
N MET A 415 -29.53 -21.30 0.47
CA MET A 415 -29.71 -19.85 0.64
C MET A 415 -31.00 -19.48 1.37
N TYR A 416 -32.14 -20.09 0.93
CA TYR A 416 -33.50 -19.82 1.40
C TYR A 416 -34.14 -20.92 2.21
N ALA A 417 -33.35 -21.67 3.00
CA ALA A 417 -33.83 -22.77 3.83
C ALA A 417 -34.94 -22.34 4.76
N PRO A 418 -34.94 -21.13 5.42
CA PRO A 418 -36.06 -20.79 6.31
C PRO A 418 -37.38 -20.46 5.60
N THR A 419 -37.33 -20.20 4.29
CA THR A 419 -38.53 -19.82 3.55
C THR A 419 -39.55 -20.97 3.42
N LEU A 420 -40.80 -20.62 3.33
CA LEU A 420 -41.93 -21.51 3.18
C LEU A 420 -41.80 -22.31 1.89
N TRP A 421 -41.43 -21.64 0.78
CA TRP A 421 -41.32 -22.27 -0.55
C TRP A 421 -40.12 -23.21 -0.72
N ALA A 422 -39.01 -22.93 -0.08
CA ALA A 422 -37.84 -23.79 -0.17
C ALA A 422 -38.11 -25.10 0.59
N ARG A 423 -38.75 -24.98 1.74
CA ARG A 423 -39.07 -26.09 2.60
C ARG A 423 -40.18 -26.94 2.00
N MET A 424 -41.34 -26.34 1.71
CA MET A 424 -42.48 -27.10 1.21
C MET A 424 -42.34 -27.59 -0.21
N ILE A 425 -41.79 -26.80 -1.12
CA ILE A 425 -41.73 -27.22 -2.50
C ILE A 425 -40.37 -27.76 -2.90
N LEU A 426 -39.28 -26.97 -2.74
CA LEU A 426 -37.97 -27.42 -3.24
C LEU A 426 -37.45 -28.66 -2.55
N MET A 427 -37.44 -28.67 -1.19
CA MET A 427 -36.98 -29.81 -0.42
C MET A 427 -37.81 -31.04 -0.66
N THR A 428 -39.15 -30.90 -0.73
CA THR A 428 -40.05 -32.04 -0.93
C THR A 428 -39.83 -32.70 -2.27
N HIS A 429 -39.86 -31.91 -3.34
CA HIS A 429 -39.69 -32.36 -4.73
C HIS A 429 -38.35 -33.06 -4.97
N PHE A 430 -37.25 -32.44 -4.54
CA PHE A 430 -35.91 -32.97 -4.81
C PHE A 430 -35.52 -34.12 -3.89
N PHE A 431 -35.99 -34.17 -2.66
CA PHE A 431 -35.66 -35.35 -1.87
C PHE A 431 -36.46 -36.56 -2.37
N SER A 432 -37.64 -36.36 -2.93
CA SER A 432 -38.41 -37.48 -3.48
C SER A 432 -37.72 -38.05 -4.73
N ILE A 433 -37.06 -37.18 -5.52
CA ILE A 433 -36.31 -37.57 -6.72
C ILE A 433 -35.01 -38.33 -6.31
N LEU A 434 -34.24 -37.78 -5.38
CA LEU A 434 -33.02 -38.40 -4.87
C LEU A 434 -33.32 -39.79 -4.29
N LEU A 435 -34.48 -39.92 -3.59
CA LEU A 435 -34.98 -41.15 -2.99
C LEU A 435 -35.24 -42.18 -4.08
N ALA A 436 -35.93 -41.73 -5.16
CA ALA A 436 -36.29 -42.53 -6.33
C ALA A 436 -35.08 -42.88 -7.21
N GLN A 437 -33.92 -42.35 -6.91
CA GLN A 437 -32.75 -42.56 -7.77
C GLN A 437 -31.60 -43.04 -6.94
N GLU A 438 -31.85 -43.30 -5.64
CA GLU A 438 -30.86 -43.73 -4.65
C GLU A 438 -29.56 -42.87 -4.81
N GLN A 439 -29.74 -41.53 -4.84
CA GLN A 439 -28.67 -40.54 -5.06
C GLN A 439 -28.48 -39.51 -3.92
N LEU A 440 -28.97 -39.84 -2.72
CA LEU A 440 -28.85 -38.99 -1.53
C LEU A 440 -27.37 -38.75 -1.16
N GLU A 441 -26.53 -39.80 -1.30
CA GLU A 441 -25.09 -39.79 -1.00
C GLU A 441 -24.26 -39.03 -2.05
N LYS A 442 -24.75 -38.93 -3.32
CA LYS A 442 -24.07 -38.26 -4.46
C LYS A 442 -23.92 -36.73 -4.34
N ALA A 443 -22.66 -36.25 -4.23
CA ALA A 443 -22.33 -34.82 -4.15
C ALA A 443 -22.61 -34.13 -5.47
N LEU A 444 -23.35 -33.02 -5.39
CA LEU A 444 -23.77 -32.20 -6.51
C LEU A 444 -23.03 -30.88 -6.47
N ASP A 445 -22.89 -30.24 -7.63
CA ASP A 445 -22.23 -28.94 -7.73
C ASP A 445 -23.30 -27.89 -7.80
N CYS A 446 -23.33 -27.01 -6.79
CA CYS A 446 -24.32 -25.94 -6.71
C CYS A 446 -23.71 -24.53 -6.93
N GLN A 447 -24.46 -23.72 -7.72
CA GLN A 447 -24.15 -22.36 -8.15
C GLN A 447 -24.00 -21.34 -7.03
N ILE A 448 -25.14 -20.80 -6.51
CA ILE A 448 -25.27 -19.74 -5.48
C ILE A 448 -24.39 -18.50 -5.77
N TYR A 449 -25.00 -17.42 -6.34
CA TYR A 449 -24.39 -16.11 -6.64
C TYR A 449 -22.96 -16.20 -7.24
N GLY A 450 -21.96 -16.27 -6.35
CA GLY A 450 -20.54 -16.42 -6.65
C GLY A 450 -20.06 -17.84 -6.91
N ALA A 451 -19.04 -18.28 -6.15
CA ALA A 451 -18.36 -19.60 -6.18
C ALA A 451 -19.25 -20.89 -6.38
N CYS A 452 -18.61 -21.98 -6.82
CA CYS A 452 -19.21 -23.30 -7.04
C CYS A 452 -18.93 -24.19 -5.81
N TYR A 453 -19.99 -24.87 -5.31
CA TYR A 453 -19.85 -25.71 -4.13
C TYR A 453 -20.22 -27.16 -4.40
N SER A 454 -19.40 -28.10 -3.85
CA SER A 454 -19.72 -29.52 -3.97
C SER A 454 -20.41 -29.90 -2.68
N ILE A 455 -21.69 -30.26 -2.78
CA ILE A 455 -22.50 -30.55 -1.61
C ILE A 455 -23.21 -31.86 -1.73
N GLU A 456 -23.17 -32.61 -0.65
CA GLU A 456 -23.90 -33.85 -0.50
C GLU A 456 -25.26 -33.48 0.09
N PRO A 457 -26.37 -33.81 -0.60
CA PRO A 457 -27.72 -33.51 -0.06
C PRO A 457 -27.94 -33.97 1.38
N LEU A 458 -27.28 -35.09 1.80
CA LEU A 458 -27.35 -35.64 3.14
C LEU A 458 -26.75 -34.73 4.19
N ASP A 459 -25.94 -33.76 3.75
CA ASP A 459 -25.36 -32.82 4.66
C ASP A 459 -26.22 -31.57 4.84
N LEU A 460 -27.26 -31.35 4.02
CA LEU A 460 -28.12 -30.18 4.12
C LEU A 460 -28.53 -29.82 5.58
N PRO A 461 -28.98 -30.74 6.47
CA PRO A 461 -29.32 -30.31 7.84
C PRO A 461 -28.22 -29.61 8.61
N GLN A 462 -26.99 -30.15 8.63
CA GLN A 462 -25.86 -29.52 9.31
C GLN A 462 -25.57 -28.15 8.71
N ILE A 463 -25.51 -28.06 7.35
CA ILE A 463 -25.30 -26.83 6.59
C ILE A 463 -26.30 -25.80 7.02
N ILE A 464 -27.60 -26.11 6.86
CA ILE A 464 -28.71 -25.25 7.23
C ILE A 464 -28.60 -24.82 8.68
N GLN A 465 -28.33 -25.76 9.60
CA GLN A 465 -28.17 -25.40 11.02
C GLN A 465 -27.07 -24.38 11.20
N ARG A 466 -25.93 -24.58 10.53
CA ARG A 466 -24.77 -23.71 10.60
C ARG A 466 -25.03 -22.33 10.01
N LEU A 467 -25.73 -22.24 8.86
CA LEU A 467 -25.97 -20.98 8.13
C LEU A 467 -27.16 -20.12 8.58
N HIS A 468 -28.22 -20.80 9.11
CA HIS A 468 -29.52 -20.25 9.50
C HIS A 468 -29.94 -20.48 10.97
N GLY A 469 -29.35 -21.47 11.64
CA GLY A 469 -29.71 -21.83 12.99
C GLY A 469 -30.72 -22.97 13.09
N LEU A 470 -30.74 -23.63 14.25
CA LEU A 470 -31.70 -24.72 14.49
C LEU A 470 -33.16 -24.26 14.22
N SER A 471 -33.47 -22.94 14.50
CA SER A 471 -34.78 -22.31 14.27
C SER A 471 -35.33 -22.52 12.84
N ALA A 472 -34.41 -22.72 11.83
CA ALA A 472 -34.80 -22.92 10.42
C ALA A 472 -35.71 -24.12 10.25
N PHE A 473 -35.63 -25.06 11.18
CA PHE A 473 -36.40 -26.29 11.07
C PHE A 473 -37.74 -26.23 11.77
N SER A 474 -38.00 -25.12 12.51
CA SER A 474 -39.16 -24.88 13.36
C SER A 474 -39.96 -23.65 13.00
N LEU A 475 -39.55 -22.93 11.95
CA LEU A 475 -40.22 -21.71 11.55
C LEU A 475 -41.66 -21.90 11.19
N HIS A 476 -42.51 -21.01 11.72
CA HIS A 476 -43.96 -21.05 11.46
C HIS A 476 -44.51 -19.67 11.72
N SER A 477 -45.80 -19.45 11.45
CA SER A 477 -46.49 -18.16 11.57
C SER A 477 -45.90 -17.20 10.54
N TYR A 478 -45.85 -17.64 9.28
CA TYR A 478 -45.34 -16.85 8.18
C TYR A 478 -46.32 -15.71 7.92
N SER A 479 -45.80 -14.61 7.41
CA SER A 479 -46.64 -13.45 7.13
C SER A 479 -47.66 -13.74 6.02
N PRO A 480 -48.89 -13.19 6.13
CA PRO A 480 -49.90 -13.34 5.04
C PRO A 480 -49.34 -12.99 3.67
N GLY A 481 -48.53 -11.94 3.61
CA GLY A 481 -47.91 -11.50 2.37
C GLY A 481 -47.06 -12.54 1.71
N GLU A 482 -46.19 -13.19 2.52
CA GLU A 482 -45.33 -14.28 2.06
C GLU A 482 -46.16 -15.50 1.67
N ILE A 483 -47.13 -15.89 2.50
CA ILE A 483 -47.99 -17.03 2.15
C ILE A 483 -48.70 -16.79 0.84
N ASN A 484 -49.31 -15.60 0.69
CA ASN A 484 -50.04 -15.24 -0.53
C ASN A 484 -49.10 -15.20 -1.74
N ARG A 485 -47.89 -14.67 -1.58
CA ARG A 485 -46.92 -14.62 -2.66
C ARG A 485 -46.61 -16.02 -3.17
N VAL A 486 -46.36 -16.96 -2.23
CA VAL A 486 -46.03 -18.33 -2.54
C VAL A 486 -47.22 -19.01 -3.22
N ALA A 487 -48.42 -18.88 -2.65
CA ALA A 487 -49.61 -19.50 -3.23
C ALA A 487 -49.95 -18.98 -4.64
N SER A 488 -49.90 -17.64 -4.84
CA SER A 488 -50.18 -17.04 -6.13
C SER A 488 -49.22 -17.52 -7.16
N CYS A 489 -47.97 -17.62 -6.74
CA CYS A 489 -46.91 -18.07 -7.61
C CYS A 489 -47.09 -19.50 -8.13
N LEU A 490 -47.50 -20.42 -7.23
CA LEU A 490 -47.78 -21.81 -7.55
C LEU A 490 -48.88 -21.91 -8.60
N ARG A 491 -49.99 -21.14 -8.39
CA ARG A 491 -51.15 -21.04 -9.28
C ARG A 491 -50.69 -20.57 -10.66
N LYS A 492 -49.85 -19.52 -10.69
CA LYS A 492 -49.35 -18.99 -11.92
C LYS A 492 -48.49 -20.01 -12.69
N LEU A 493 -47.69 -20.80 -11.98
CA LEU A 493 -46.77 -21.75 -12.62
C LEU A 493 -47.33 -23.16 -12.80
N GLY A 494 -48.56 -23.40 -12.40
CA GLY A 494 -49.16 -24.73 -12.59
C GLY A 494 -48.60 -25.80 -11.67
N VAL A 495 -48.02 -25.39 -10.53
CA VAL A 495 -47.42 -26.23 -9.52
C VAL A 495 -48.56 -26.62 -8.58
N PRO A 496 -48.67 -27.89 -8.08
CA PRO A 496 -49.76 -28.20 -7.12
C PRO A 496 -49.75 -27.32 -5.86
N PRO A 497 -50.92 -27.11 -5.21
CA PRO A 497 -50.95 -26.27 -3.99
C PRO A 497 -50.23 -26.88 -2.79
N LEU A 498 -49.98 -26.04 -1.77
CA LEU A 498 -49.30 -26.37 -0.52
C LEU A 498 -49.85 -27.61 0.20
N ARG A 499 -51.16 -27.88 0.16
CA ARG A 499 -51.71 -29.07 0.81
C ARG A 499 -51.18 -30.38 0.16
N VAL A 500 -50.93 -30.36 -1.17
CA VAL A 500 -50.38 -31.48 -1.92
C VAL A 500 -48.96 -31.76 -1.43
N TRP A 501 -48.15 -30.68 -1.31
CA TRP A 501 -46.76 -30.74 -0.83
C TRP A 501 -46.66 -31.28 0.59
N ARG A 502 -47.55 -30.89 1.48
CA ARG A 502 -47.55 -31.42 2.85
C ARG A 502 -47.75 -32.97 2.81
N HIS A 503 -48.64 -33.45 1.92
N HIS A 503 -48.63 -33.46 1.92
CA HIS A 503 -48.93 -34.88 1.74
CA HIS A 503 -48.88 -34.89 1.79
C HIS A 503 -47.66 -35.59 1.26
C HIS A 503 -47.67 -35.61 1.23
N ARG A 504 -47.06 -35.06 0.18
CA ARG A 504 -45.86 -35.61 -0.41
C ARG A 504 -44.72 -35.65 0.60
N ALA A 505 -44.53 -34.61 1.42
CA ALA A 505 -43.45 -34.53 2.38
C ALA A 505 -43.57 -35.54 3.49
N ARG A 506 -44.80 -35.99 3.75
CA ARG A 506 -45.04 -37.04 4.77
C ARG A 506 -44.47 -38.38 4.31
N SER A 507 -44.59 -38.74 3.00
CA SER A 507 -43.99 -39.97 2.46
C SER A 507 -42.49 -39.83 2.44
N VAL A 508 -42.01 -38.72 1.90
CA VAL A 508 -40.58 -38.42 1.82
C VAL A 508 -39.97 -38.56 3.21
N ARG A 509 -40.60 -37.93 4.23
CA ARG A 509 -40.16 -37.98 5.61
C ARG A 509 -40.05 -39.43 6.11
N ALA A 510 -41.19 -40.17 6.05
CA ALA A 510 -41.36 -41.58 6.40
C ALA A 510 -40.23 -42.44 5.77
N ARG A 511 -40.05 -42.38 4.46
CA ARG A 511 -39.00 -43.09 3.76
C ARG A 511 -37.58 -42.67 4.24
N LEU A 512 -37.38 -41.36 4.54
CA LEU A 512 -36.07 -40.91 4.97
C LEU A 512 -35.76 -41.45 6.36
N LEU A 513 -36.75 -41.41 7.26
CA LEU A 513 -36.58 -41.89 8.65
C LEU A 513 -36.15 -43.36 8.68
N SER A 514 -36.79 -44.17 7.85
CA SER A 514 -36.58 -45.59 7.75
C SER A 514 -35.20 -45.95 7.23
N GLN A 515 -34.39 -44.98 6.82
CA GLN A 515 -33.05 -45.22 6.25
C GLN A 515 -31.89 -44.98 7.21
N GLY A 516 -32.19 -44.36 8.35
CA GLY A 516 -31.21 -44.05 9.38
C GLY A 516 -30.14 -43.06 8.97
N GLY A 517 -29.30 -42.75 9.96
CA GLY A 517 -28.16 -41.85 9.82
C GLY A 517 -28.55 -40.47 9.33
N ARG A 518 -27.74 -39.92 8.43
CA ARG A 518 -27.91 -38.61 7.84
C ARG A 518 -29.26 -38.47 7.10
N ALA A 519 -29.71 -39.54 6.39
CA ALA A 519 -31.00 -39.58 5.70
C ALA A 519 -32.14 -39.41 6.69
N ALA A 520 -32.04 -40.04 7.87
CA ALA A 520 -33.09 -39.90 8.87
C ALA A 520 -33.09 -38.47 9.43
N THR A 521 -31.88 -37.84 9.52
CA THR A 521 -31.73 -36.47 10.01
C THR A 521 -32.43 -35.53 9.03
N CYS A 522 -32.29 -35.80 7.70
CA CYS A 522 -32.96 -35.07 6.64
C CYS A 522 -34.48 -35.19 6.83
N GLY A 523 -35.00 -36.40 7.09
CA GLY A 523 -36.43 -36.59 7.33
C GLY A 523 -36.92 -35.87 8.59
N LYS A 524 -36.20 -36.03 9.69
CA LYS A 524 -36.53 -35.47 11.01
C LYS A 524 -36.55 -33.94 11.00
N TYR A 525 -35.41 -33.33 10.62
CA TYR A 525 -35.15 -31.89 10.64
C TYR A 525 -35.78 -31.15 9.48
N LEU A 526 -35.55 -31.58 8.23
CA LEU A 526 -36.07 -30.87 7.07
C LEU A 526 -37.58 -30.99 6.88
N PHE A 527 -38.23 -32.00 7.46
CA PHE A 527 -39.65 -32.20 7.20
C PHE A 527 -40.51 -32.21 8.44
N ASN A 528 -40.04 -31.59 9.54
CA ASN A 528 -40.83 -31.46 10.76
C ASN A 528 -42.09 -30.66 10.55
N TRP A 529 -42.02 -29.67 9.66
CA TRP A 529 -43.13 -28.80 9.29
C TRP A 529 -44.31 -29.60 8.80
N ALA A 530 -44.08 -30.78 8.19
CA ALA A 530 -45.13 -31.65 7.64
C ALA A 530 -45.86 -32.57 8.64
N VAL A 531 -45.31 -32.75 9.86
CA VAL A 531 -45.94 -33.62 10.86
C VAL A 531 -46.95 -32.90 11.70
N ARG A 532 -48.04 -33.62 12.02
CA ARG A 532 -49.17 -33.18 12.84
C ARG A 532 -48.69 -32.61 14.21
N THR A 533 -48.08 -33.49 15.05
CA THR A 533 -47.49 -33.16 16.35
C THR A 533 -45.99 -33.09 16.14
N LYS A 534 -45.43 -31.90 16.35
CA LYS A 534 -44.02 -31.60 16.13
C LYS A 534 -43.10 -32.23 17.17
N LEU A 535 -41.93 -32.69 16.68
CA LEU A 535 -40.84 -33.29 17.42
C LEU A 535 -39.94 -32.17 17.93
N LYS A 536 -39.39 -32.32 19.16
CA LYS A 536 -38.44 -31.34 19.71
C LYS A 536 -37.11 -31.65 19.03
N LEU A 537 -36.51 -30.63 18.40
CA LEU A 537 -35.27 -30.81 17.65
C LEU A 537 -34.08 -30.25 18.38
N THR A 538 -33.15 -31.13 18.64
CA THR A 538 -31.92 -30.82 19.35
C THR A 538 -30.84 -30.44 18.32
N PRO A 539 -29.80 -29.67 18.69
CA PRO A 539 -28.74 -29.38 17.72
C PRO A 539 -28.07 -30.66 17.19
N ILE A 540 -27.80 -30.71 15.87
CA ILE A 540 -27.12 -31.85 15.26
C ILE A 540 -25.64 -31.82 15.74
N PRO A 541 -25.18 -32.91 16.42
CA PRO A 541 -23.81 -32.92 16.94
C PRO A 541 -22.74 -32.77 15.86
N ALA A 542 -22.93 -33.46 14.73
CA ALA A 542 -22.01 -33.46 13.57
C ALA A 542 -21.91 -32.10 12.87
N ALA A 543 -22.79 -31.11 13.22
CA ALA A 543 -22.79 -29.77 12.62
C ALA A 543 -21.57 -28.95 13.06
N SER A 544 -21.00 -29.27 14.25
CA SER A 544 -19.81 -28.56 14.77
C SER A 544 -18.55 -28.95 13.98
N GLN A 545 -18.44 -30.24 13.58
CA GLN A 545 -17.28 -30.73 12.85
C GLN A 545 -17.26 -30.31 11.35
N LEU A 546 -18.31 -29.68 10.77
CA LEU A 546 -18.27 -29.25 9.36
C LEU A 546 -17.39 -28.01 9.20
N ASP A 547 -16.42 -28.06 8.28
CA ASP A 547 -15.51 -26.94 7.99
C ASP A 547 -16.11 -25.99 6.94
N LEU A 548 -16.58 -24.84 7.43
CA LEU A 548 -17.22 -23.82 6.60
C LEU A 548 -16.44 -22.49 6.60
N SER A 549 -15.15 -22.59 6.94
CA SER A 549 -14.19 -21.47 7.02
C SER A 549 -14.05 -20.67 5.73
N SER A 550 -14.22 -21.37 4.60
CA SER A 550 -14.02 -20.95 3.21
C SER A 550 -15.23 -20.29 2.49
N TRP A 551 -16.42 -20.57 2.99
CA TRP A 551 -17.70 -20.18 2.41
C TRP A 551 -17.86 -18.68 2.22
N VAL A 553 -16.98 -15.68 3.98
CA VAL A 553 -15.68 -15.08 3.70
C VAL A 553 -15.76 -14.06 2.57
N ALA A 554 -15.83 -14.55 1.30
CA ALA A 554 -15.83 -13.69 0.11
C ALA A 554 -16.65 -14.22 -1.10
N GLY A 555 -16.89 -13.29 -2.03
CA GLY A 555 -17.60 -13.48 -3.29
C GLY A 555 -16.59 -13.66 -4.38
N TYR A 556 -16.78 -14.72 -5.18
CA TYR A 556 -15.86 -15.14 -6.25
C TYR A 556 -16.64 -15.37 -7.57
N SER A 557 -17.65 -14.50 -7.83
CA SER A 557 -18.55 -14.51 -8.99
C SER A 557 -17.74 -14.19 -10.24
N GLY A 558 -17.45 -15.23 -11.02
CA GLY A 558 -16.57 -15.17 -12.19
C GLY A 558 -15.14 -15.53 -11.78
N GLY A 559 -14.90 -15.55 -10.46
CA GLY A 559 -13.66 -15.88 -9.80
C GLY A 559 -13.13 -17.28 -10.01
N ASP A 560 -14.00 -18.24 -10.47
CA ASP A 560 -13.65 -19.64 -10.79
C ASP A 560 -13.10 -20.39 -9.56
N ILE A 561 -13.81 -20.31 -8.42
CA ILE A 561 -13.36 -20.91 -7.14
C ILE A 561 -14.18 -22.12 -6.75
N TYR A 562 -13.49 -23.18 -6.43
CA TYR A 562 -14.11 -24.41 -6.02
C TYR A 562 -13.87 -24.74 -4.56
N HIS A 563 -14.98 -24.97 -3.84
CA HIS A 563 -14.92 -25.42 -2.47
C HIS A 563 -15.82 -26.62 -2.24
N SER A 564 -15.17 -27.76 -1.99
CA SER A 564 -15.82 -29.03 -1.68
C SER A 564 -15.82 -29.10 -0.18
N LEU A 565 -16.99 -29.39 0.41
CA LEU A 565 -17.23 -29.43 1.86
C LEU A 565 -16.45 -30.55 2.59
N SER A 566 -15.83 -30.19 3.71
CA SER A 566 -15.04 -31.15 4.48
C SER A 566 -15.27 -31.04 5.99
N ARG A 567 -14.94 -32.11 6.73
CA ARG A 567 -15.08 -32.17 8.20
C ARG A 567 -13.82 -32.70 8.89
N ALA A 568 -13.26 -31.87 9.79
CA ALA A 568 -12.07 -32.25 10.54
C ALA A 568 -12.43 -33.07 11.80
N ARG A 569 -11.77 -34.25 11.96
CA ARG A 569 -11.89 -35.24 13.06
C ARG A 569 -13.37 -35.76 13.32
N PRO A 570 -13.94 -36.62 12.44
CA PRO A 570 -15.30 -37.11 12.67
C PRO A 570 -15.42 -38.16 13.80
N ARG A 571 -16.32 -37.86 14.78
CA ARG A 571 -16.65 -38.73 15.91
C ARG A 571 -17.38 -39.94 15.32
N TRP A 572 -16.86 -41.12 15.61
CA TRP A 572 -17.31 -42.41 15.08
C TRP A 572 -18.88 -42.60 15.02
N PHE A 573 -19.58 -42.32 16.15
CA PHE A 573 -21.03 -42.50 16.36
C PHE A 573 -21.92 -41.62 15.46
N MET A 574 -21.30 -40.88 14.52
CA MET A 574 -21.94 -39.98 13.56
C MET A 574 -21.71 -40.50 12.14
N SER B 2 22.07 -12.81 3.95
CA SER B 2 23.07 -12.81 2.88
C SER B 2 24.22 -11.84 3.19
N MET B 3 25.33 -11.95 2.45
CA MET B 3 26.50 -11.08 2.58
C MET B 3 26.16 -9.69 2.02
N SER B 4 26.59 -8.63 2.72
CA SER B 4 26.37 -7.23 2.30
C SER B 4 27.06 -6.97 0.97
N TYR B 5 28.26 -7.54 0.81
CA TYR B 5 29.09 -7.48 -0.39
C TYR B 5 29.86 -8.80 -0.61
N THR B 6 30.03 -9.18 -1.87
CA THR B 6 30.88 -10.30 -2.31
C THR B 6 31.86 -9.61 -3.24
N TRP B 7 33.14 -9.97 -3.13
CA TRP B 7 34.18 -9.36 -3.94
C TRP B 7 34.83 -10.37 -4.85
N THR B 8 35.07 -9.96 -6.09
CA THR B 8 35.75 -10.72 -7.12
C THR B 8 37.27 -10.59 -6.89
N GLY B 9 37.67 -9.56 -6.15
CA GLY B 9 39.06 -9.26 -5.84
C GLY B 9 39.56 -8.06 -6.60
N ALA B 10 38.76 -7.58 -7.58
CA ALA B 10 39.10 -6.42 -8.40
C ALA B 10 39.21 -5.19 -7.50
N LEU B 11 40.34 -4.48 -7.63
CA LEU B 11 40.66 -3.32 -6.82
C LEU B 11 39.79 -2.11 -7.17
N ILE B 12 39.50 -1.28 -6.14
CA ILE B 12 38.71 -0.06 -6.32
C ILE B 12 39.66 0.95 -6.97
N THR B 13 39.40 1.23 -8.25
CA THR B 13 40.25 2.11 -9.06
C THR B 13 39.80 3.59 -9.03
N PRO B 14 40.76 4.54 -8.86
CA PRO B 14 40.38 5.98 -8.87
C PRO B 14 40.26 6.53 -10.30
N CYS B 15 39.46 7.60 -10.48
CA CYS B 15 39.25 8.23 -11.79
C CYS B 15 40.50 8.95 -12.32
N VAL B 38 45.49 17.18 7.61
CA VAL B 38 46.78 16.53 7.82
C VAL B 38 47.03 15.38 6.83
N TYR B 39 46.00 14.58 6.51
CA TYR B 39 46.08 13.46 5.57
C TYR B 39 44.75 13.23 4.81
N ALA B 40 44.79 13.06 3.47
CA ALA B 40 43.57 12.81 2.68
C ALA B 40 43.55 11.33 2.23
N THR B 41 42.51 10.57 2.66
CA THR B 41 42.38 9.13 2.39
C THR B 41 42.18 8.80 0.90
N THR B 42 43.05 7.94 0.36
CA THR B 42 43.07 7.49 -1.05
C THR B 42 42.41 6.10 -1.23
N SER B 43 42.30 5.62 -2.49
CA SER B 43 41.71 4.31 -2.86
C SER B 43 42.61 3.09 -2.54
N ARG B 44 43.79 3.33 -1.91
CA ARG B 44 44.75 2.32 -1.47
C ARG B 44 44.33 1.77 -0.09
N SER B 45 43.71 2.63 0.74
CA SER B 45 43.20 2.34 2.08
C SER B 45 41.72 1.88 2.05
N ALA B 46 41.15 1.74 0.83
CA ALA B 46 39.77 1.30 0.58
C ALA B 46 39.58 -0.19 0.91
N SER B 47 40.68 -0.98 0.93
CA SER B 47 40.71 -2.42 1.25
C SER B 47 40.36 -2.71 2.72
N LEU B 48 40.73 -1.79 3.64
CA LEU B 48 40.45 -1.87 5.08
C LEU B 48 38.95 -1.70 5.32
N ARG B 49 38.31 -0.79 4.56
CA ARG B 49 36.89 -0.46 4.58
C ARG B 49 36.05 -1.67 4.10
N GLN B 50 36.53 -2.39 3.06
CA GLN B 50 35.88 -3.59 2.51
C GLN B 50 35.65 -4.69 3.55
N LYS B 51 36.65 -4.94 4.44
CA LYS B 51 36.53 -5.94 5.53
C LYS B 51 35.42 -5.56 6.56
N LYS B 52 35.34 -4.26 6.91
CA LYS B 52 34.37 -3.70 7.85
C LYS B 52 32.91 -3.81 7.33
N VAL B 53 32.67 -3.34 6.09
CA VAL B 53 31.37 -3.31 5.38
C VAL B 53 30.90 -4.72 4.89
N THR B 54 31.74 -5.77 4.97
CA THR B 54 31.39 -7.11 4.50
C THR B 54 31.10 -8.06 5.67
N PHE B 55 29.84 -8.53 5.72
CA PHE B 55 29.29 -9.45 6.72
C PHE B 55 27.91 -9.97 6.30
N ASP B 56 27.52 -11.13 6.83
CA ASP B 56 26.20 -11.73 6.60
C ASP B 56 25.23 -11.09 7.58
N ARG B 57 23.97 -10.85 7.15
CA ARG B 57 22.98 -10.20 8.00
C ARG B 57 22.00 -11.15 8.61
N LEU B 58 21.81 -11.03 9.92
CA LEU B 58 20.83 -11.82 10.65
C LEU B 58 19.72 -10.85 11.03
N GLN B 59 18.49 -11.06 10.49
CA GLN B 59 17.35 -10.20 10.74
C GLN B 59 16.14 -10.99 11.18
N VAL B 60 15.65 -10.70 12.39
CA VAL B 60 14.45 -11.34 12.96
C VAL B 60 13.46 -10.20 13.27
N LEU B 61 12.25 -10.26 12.67
CA LEU B 61 11.21 -9.26 12.85
C LEU B 61 10.12 -9.73 13.83
N ASP B 62 9.43 -8.76 14.45
CA ASP B 62 8.38 -9.02 15.44
C ASP B 62 7.09 -8.20 15.19
N ASP B 63 6.14 -8.31 16.12
CA ASP B 63 4.85 -7.66 16.01
C ASP B 63 4.96 -6.17 16.09
N HIS B 64 5.86 -5.66 16.93
CA HIS B 64 6.16 -4.23 17.08
C HIS B 64 6.62 -3.60 15.77
N TYR B 65 7.53 -4.30 15.06
CA TYR B 65 8.05 -3.91 13.76
C TYR B 65 6.91 -3.81 12.74
N ARG B 66 6.06 -4.84 12.69
CA ARG B 66 4.93 -4.97 11.79
C ARG B 66 3.86 -3.94 12.09
N ASP B 67 3.64 -3.61 13.38
CA ASP B 67 2.68 -2.60 13.82
C ASP B 67 3.08 -1.22 13.32
N VAL B 68 4.35 -0.80 13.63
CA VAL B 68 4.92 0.48 13.22
C VAL B 68 4.88 0.60 11.70
N LEU B 69 5.29 -0.46 11.02
CA LEU B 69 5.24 -0.49 9.56
C LEU B 69 3.86 -0.15 9.02
N LYS B 70 2.81 -0.82 9.55
CA LYS B 70 1.42 -0.62 9.15
C LYS B 70 0.98 0.84 9.45
N GLU B 71 1.38 1.39 10.62
CA GLU B 71 1.06 2.79 10.97
C GLU B 71 1.73 3.76 9.97
N MET B 72 2.98 3.45 9.58
CA MET B 72 3.74 4.22 8.59
C MET B 72 3.06 4.16 7.21
N LYS B 73 2.70 2.94 6.74
CA LYS B 73 2.02 2.70 5.46
C LYS B 73 0.70 3.47 5.39
N ALA B 74 -0.03 3.53 6.52
CA ALA B 74 -1.33 4.21 6.62
C ALA B 74 -1.17 5.72 6.36
N LYS B 75 -0.05 6.34 6.86
CA LYS B 75 0.31 7.75 6.65
C LYS B 75 0.76 7.99 5.18
N ALA B 76 1.55 7.04 4.62
CA ALA B 76 2.00 7.06 3.21
C ALA B 76 0.81 7.05 2.24
N SER B 77 -0.28 6.34 2.60
CA SER B 77 -1.53 6.20 1.84
C SER B 77 -2.19 7.52 1.49
N THR B 78 -1.91 8.58 2.30
CA THR B 78 -2.45 9.94 2.13
C THR B 78 -1.72 10.69 1.02
N VAL B 79 -0.56 10.15 0.56
CA VAL B 79 0.29 10.82 -0.42
C VAL B 79 -0.11 10.48 -1.86
N LYS B 80 -0.16 11.52 -2.74
CA LYS B 80 -0.35 11.48 -4.20
C LYS B 80 0.98 12.00 -4.80
N ALA B 81 1.62 11.24 -5.71
CA ALA B 81 2.91 11.69 -6.25
C ALA B 81 2.86 11.86 -7.75
N LYS B 82 3.34 13.02 -8.24
CA LYS B 82 3.36 13.30 -9.67
C LYS B 82 4.52 12.60 -10.32
N LEU B 83 4.31 12.18 -11.58
CA LEU B 83 5.34 11.56 -12.40
C LEU B 83 5.98 12.72 -13.17
N LEU B 84 7.27 12.96 -12.93
CA LEU B 84 8.01 14.04 -13.58
C LEU B 84 8.23 13.68 -15.05
N SER B 85 8.21 14.69 -15.92
CA SER B 85 8.46 14.53 -17.37
C SER B 85 9.99 14.48 -17.57
N VAL B 86 10.47 14.05 -18.76
CA VAL B 86 11.91 14.00 -19.07
C VAL B 86 12.59 15.34 -18.75
N GLU B 87 12.03 16.45 -19.27
CA GLU B 87 12.50 17.81 -19.10
C GLU B 87 12.53 18.24 -17.65
N GLU B 88 11.40 18.02 -16.91
CA GLU B 88 11.29 18.35 -15.48
C GLU B 88 12.44 17.68 -14.72
N ALA B 89 12.70 16.37 -15.01
CA ALA B 89 13.76 15.58 -14.39
C ALA B 89 15.15 16.02 -14.78
N CYS B 90 15.32 16.44 -16.07
CA CYS B 90 16.60 16.90 -16.63
C CYS B 90 17.06 18.19 -15.93
N LYS B 91 16.13 19.16 -15.85
CA LYS B 91 16.28 20.47 -15.24
C LYS B 91 16.62 20.37 -13.75
N LEU B 92 16.48 19.17 -13.15
CA LEU B 92 16.76 18.88 -11.75
C LEU B 92 18.10 18.20 -11.57
N THR B 93 18.87 18.10 -12.63
CA THR B 93 20.18 17.49 -12.56
C THR B 93 21.22 18.50 -12.11
N PRO B 94 22.03 18.22 -11.06
CA PRO B 94 23.10 19.18 -10.71
C PRO B 94 24.12 19.25 -11.86
N PRO B 95 24.70 20.43 -12.18
CA PRO B 95 25.60 20.55 -13.35
C PRO B 95 26.94 19.82 -13.26
N HIS B 96 27.37 19.43 -12.05
CA HIS B 96 28.63 18.70 -11.93
C HIS B 96 28.40 17.22 -11.61
N SER B 97 27.20 16.71 -11.97
CA SER B 97 26.79 15.32 -11.81
C SER B 97 27.60 14.46 -12.79
N ALA B 98 28.24 13.36 -12.28
CA ALA B 98 29.07 12.40 -13.04
C ALA B 98 28.51 12.10 -14.44
N ARG B 99 29.34 12.29 -15.49
CA ARG B 99 28.89 12.08 -16.86
C ARG B 99 28.54 10.63 -17.16
N SER B 100 27.64 10.43 -18.12
CA SER B 100 27.17 9.13 -18.55
C SER B 100 28.25 8.37 -19.34
N LYS B 101 28.35 7.04 -19.10
CA LYS B 101 29.24 6.16 -19.85
C LYS B 101 28.71 5.98 -21.31
N PHE B 102 27.62 6.68 -21.66
CA PHE B 102 27.03 6.67 -23.00
C PHE B 102 27.29 8.01 -23.71
N GLY B 103 28.43 8.63 -23.34
CA GLY B 103 28.95 9.87 -23.91
C GLY B 103 28.01 11.05 -23.97
N TYR B 104 27.70 11.61 -22.81
CA TYR B 104 26.91 12.82 -22.53
C TYR B 104 27.03 13.05 -21.05
N GLY B 105 26.95 14.31 -20.64
CA GLY B 105 27.12 14.70 -19.25
C GLY B 105 26.03 15.60 -18.76
N ALA B 106 26.12 15.99 -17.48
CA ALA B 106 25.15 16.83 -16.78
C ALA B 106 24.68 18.07 -17.57
N LYS B 107 25.62 18.75 -18.28
CA LYS B 107 25.34 19.93 -19.09
C LYS B 107 24.37 19.63 -20.23
N ASP B 108 24.61 18.54 -20.99
CA ASP B 108 23.79 18.06 -22.11
C ASP B 108 22.35 17.78 -21.67
N VAL B 109 22.23 17.11 -20.50
CA VAL B 109 20.98 16.75 -19.82
C VAL B 109 20.22 18.04 -19.52
N ARG B 110 20.89 18.98 -18.79
CA ARG B 110 20.35 20.27 -18.38
C ARG B 110 19.91 21.11 -19.58
N ASN B 111 20.59 20.91 -20.74
CA ASN B 111 20.31 21.65 -21.96
C ASN B 111 19.31 20.95 -22.88
N LEU B 112 18.85 19.76 -22.47
CA LEU B 112 17.88 18.94 -23.21
C LEU B 112 18.44 18.53 -24.58
N SER B 113 19.71 18.10 -24.59
CA SER B 113 20.41 17.62 -25.79
C SER B 113 19.74 16.33 -26.28
N SER B 114 19.39 16.27 -27.59
CA SER B 114 18.72 15.11 -28.19
C SER B 114 19.39 13.77 -27.86
N LYS B 115 20.72 13.73 -27.79
CA LYS B 115 21.45 12.51 -27.44
C LYS B 115 21.11 12.09 -25.99
N ALA B 116 21.15 13.04 -25.02
CA ALA B 116 20.83 12.82 -23.61
C ALA B 116 19.36 12.41 -23.45
N VAL B 117 18.43 13.26 -23.90
CA VAL B 117 16.98 13.03 -23.89
C VAL B 117 16.62 11.67 -24.51
N ASN B 118 17.21 11.31 -25.67
CA ASN B 118 16.96 10.04 -26.31
C ASN B 118 17.50 8.86 -25.53
N HIS B 119 18.65 9.02 -24.86
CA HIS B 119 19.15 7.92 -24.07
C HIS B 119 18.27 7.68 -22.82
N ILE B 120 17.82 8.79 -22.19
CA ILE B 120 16.96 8.81 -21.01
C ILE B 120 15.64 8.08 -21.31
N ARG B 121 14.99 8.42 -22.44
CA ARG B 121 13.74 7.84 -22.93
C ARG B 121 13.85 6.34 -23.11
N SER B 122 15.05 5.86 -23.47
CA SER B 122 15.35 4.44 -23.66
C SER B 122 15.54 3.73 -22.34
N VAL B 123 16.22 4.37 -21.37
CA VAL B 123 16.47 3.84 -20.03
C VAL B 123 15.13 3.62 -19.32
N TRP B 124 14.20 4.60 -19.49
CA TRP B 124 12.87 4.64 -18.92
C TRP B 124 12.04 3.52 -19.50
N LYS B 125 12.09 3.36 -20.84
CA LYS B 125 11.36 2.32 -21.58
C LYS B 125 11.83 0.94 -21.08
N ASP B 126 13.15 0.77 -20.89
CA ASP B 126 13.74 -0.46 -20.43
C ASP B 126 13.31 -0.77 -19.00
N LEU B 127 13.10 0.28 -18.17
CA LEU B 127 12.64 0.10 -16.79
C LEU B 127 11.18 -0.35 -16.80
N LEU B 128 10.40 0.14 -17.78
CA LEU B 128 9.01 -0.26 -17.88
C LEU B 128 8.85 -1.62 -18.50
N GLU B 129 9.88 -2.11 -19.19
CA GLU B 129 9.76 -3.36 -19.93
C GLU B 129 10.60 -4.49 -19.40
N ASP B 130 11.67 -4.19 -18.68
CA ASP B 130 12.55 -5.20 -18.09
C ASP B 130 12.41 -5.07 -16.57
N THR B 131 11.95 -6.15 -15.95
CA THR B 131 11.67 -6.18 -14.52
C THR B 131 12.73 -6.88 -13.67
N GLU B 132 13.65 -7.67 -14.26
CA GLU B 132 14.57 -8.49 -13.46
C GLU B 132 16.05 -8.18 -13.60
N THR B 133 16.51 -7.84 -14.82
CA THR B 133 17.92 -7.61 -15.10
C THR B 133 18.59 -6.58 -14.20
N PRO B 134 19.57 -6.98 -13.33
CA PRO B 134 20.28 -5.97 -12.52
C PRO B 134 20.92 -4.88 -13.36
N ILE B 135 20.90 -3.67 -12.81
CA ILE B 135 21.46 -2.47 -13.39
C ILE B 135 22.85 -2.32 -12.78
N ASP B 136 23.81 -2.00 -13.61
CA ASP B 136 25.18 -1.84 -13.15
C ASP B 136 25.35 -0.53 -12.38
N THR B 137 26.17 -0.62 -11.33
CA THR B 137 26.60 0.49 -10.49
C THR B 137 28.12 0.61 -10.52
N THR B 138 28.63 1.83 -10.29
CA THR B 138 30.03 2.15 -10.18
C THR B 138 30.37 2.29 -8.70
N ILE B 139 31.43 1.57 -8.24
CA ILE B 139 31.98 1.68 -6.87
C ILE B 139 33.26 2.53 -6.92
N MET B 140 33.37 3.51 -6.01
CA MET B 140 34.52 4.41 -5.91
C MET B 140 34.81 4.74 -4.46
N ALA B 141 36.04 5.17 -4.17
CA ALA B 141 36.40 5.60 -2.82
C ALA B 141 36.24 7.12 -2.77
N LYS B 142 35.64 7.62 -1.68
CA LYS B 142 35.48 9.05 -1.44
C LYS B 142 36.73 9.52 -0.64
N ASN B 143 37.49 10.45 -1.23
CA ASN B 143 38.71 11.01 -0.65
C ASN B 143 38.39 12.13 0.36
N GLU B 144 38.52 11.83 1.66
CA GLU B 144 38.22 12.77 2.76
C GLU B 144 39.51 13.15 3.52
N VAL B 145 39.69 14.44 3.88
CA VAL B 145 40.85 14.87 4.66
C VAL B 145 40.59 14.58 6.16
N PHE B 146 41.52 13.95 6.87
CA PHE B 146 41.38 13.65 8.30
C PHE B 146 42.59 14.10 9.10
N CYS B 147 42.41 14.36 10.39
CA CYS B 147 43.52 14.77 11.24
C CYS B 147 44.32 13.57 11.69
N VAL B 148 45.62 13.55 11.36
CA VAL B 148 46.58 12.49 11.74
C VAL B 148 46.84 12.64 13.24
N GLN B 149 45.85 12.19 14.06
CA GLN B 149 45.88 12.31 15.52
C GLN B 149 46.54 11.08 16.15
N PRO B 150 47.77 11.23 16.72
CA PRO B 150 48.43 10.06 17.33
C PRO B 150 47.82 9.63 18.67
N GLU B 151 47.13 10.57 19.38
CA GLU B 151 46.47 10.34 20.66
C GLU B 151 45.13 9.61 20.51
N LYS B 152 44.40 9.89 19.40
CA LYS B 152 43.09 9.27 19.07
C LYS B 152 43.22 7.79 18.62
N GLY B 153 44.42 7.40 18.18
CA GLY B 153 44.74 6.05 17.72
C GLY B 153 45.60 6.01 16.47
N GLY B 154 45.04 5.42 15.41
CA GLY B 154 45.66 5.29 14.09
C GLY B 154 44.87 5.97 12.99
N ARG B 155 45.01 5.47 11.74
CA ARG B 155 44.32 6.01 10.55
C ARG B 155 42.91 5.43 10.36
N LYS B 156 42.05 6.15 9.60
CA LYS B 156 40.67 5.75 9.26
C LYS B 156 40.55 5.46 7.74
N PRO B 157 39.85 4.37 7.32
CA PRO B 157 39.74 4.07 5.88
C PRO B 157 38.79 4.98 5.09
N ALA B 158 38.94 5.02 3.75
CA ALA B 158 38.11 5.83 2.85
C ALA B 158 36.70 5.23 2.69
N ARG B 159 35.66 6.09 2.68
CA ARG B 159 34.27 5.65 2.51
C ARG B 159 33.99 5.29 1.04
N LEU B 160 33.02 4.40 0.78
CA LEU B 160 32.70 3.95 -0.58
C LEU B 160 31.44 4.63 -1.15
N ILE B 161 31.47 4.99 -2.42
CA ILE B 161 30.33 5.61 -3.09
C ILE B 161 29.85 4.72 -4.29
N VAL B 162 28.63 4.19 -4.17
CA VAL B 162 28.03 3.30 -5.19
C VAL B 162 26.90 4.05 -5.94
N PHE B 163 27.01 4.17 -7.27
CA PHE B 163 26.01 4.92 -8.03
C PHE B 163 25.73 4.39 -9.46
N PRO B 164 24.46 4.47 -9.95
CA PRO B 164 24.18 4.04 -11.33
C PRO B 164 24.55 5.16 -12.32
N ASP B 165 24.40 4.87 -13.61
CA ASP B 165 24.66 5.83 -14.65
C ASP B 165 23.69 7.00 -14.63
N LEU B 166 24.15 8.15 -15.16
CA LEU B 166 23.40 9.39 -15.31
C LEU B 166 21.99 9.19 -15.87
N GLY B 167 21.85 8.34 -16.89
CA GLY B 167 20.55 8.03 -17.50
C GLY B 167 19.55 7.45 -16.52
N VAL B 168 20.01 6.47 -15.70
CA VAL B 168 19.24 5.80 -14.65
C VAL B 168 18.85 6.86 -13.64
N ARG B 169 19.81 7.70 -13.22
CA ARG B 169 19.65 8.77 -12.24
C ARG B 169 18.55 9.79 -12.62
N VAL B 170 18.38 10.09 -13.91
CA VAL B 170 17.31 10.99 -14.38
C VAL B 170 15.97 10.25 -14.26
N CYS B 171 15.95 8.97 -14.64
CA CYS B 171 14.74 8.14 -14.56
C CYS B 171 14.27 7.98 -13.09
N GLU B 172 15.24 7.83 -12.13
CA GLU B 172 14.94 7.77 -10.71
C GLU B 172 14.14 8.99 -10.30
N LYS B 173 14.55 10.18 -10.77
CA LYS B 173 13.87 11.45 -10.50
C LYS B 173 12.46 11.49 -11.08
N MET B 174 12.26 10.96 -12.29
CA MET B 174 10.92 11.02 -12.89
C MET B 174 9.88 10.30 -12.03
N ALA B 175 10.28 9.07 -11.64
CA ALA B 175 9.52 8.12 -10.87
C ALA B 175 9.37 8.45 -9.35
N LEU B 176 10.47 8.93 -8.70
CA LEU B 176 10.51 9.10 -7.25
C LEU B 176 10.82 10.47 -6.66
N TYR B 177 11.17 11.47 -7.49
CA TYR B 177 11.50 12.79 -6.93
C TYR B 177 10.34 13.36 -6.11
N ASP B 178 9.11 13.33 -6.67
CA ASP B 178 7.93 13.80 -5.95
C ASP B 178 7.62 12.96 -4.72
N VAL B 179 7.93 11.65 -4.77
CA VAL B 179 7.75 10.74 -3.66
C VAL B 179 8.67 11.17 -2.50
N VAL B 180 10.00 11.22 -2.72
CA VAL B 180 11.02 11.54 -1.67
C VAL B 180 10.94 12.96 -1.12
N SER B 181 10.25 13.83 -1.84
CA SER B 181 10.07 15.23 -1.47
C SER B 181 8.90 15.39 -0.54
N THR B 182 7.85 14.55 -0.68
CA THR B 182 6.62 14.69 0.10
C THR B 182 6.34 13.54 1.11
N LEU B 183 6.74 12.30 0.79
CA LEU B 183 6.42 11.14 1.61
C LEU B 183 7.11 11.13 3.00
N PRO B 184 8.45 11.33 3.15
CA PRO B 184 9.06 11.25 4.49
C PRO B 184 8.45 12.12 5.58
N GLN B 185 8.07 13.35 5.24
CA GLN B 185 7.44 14.25 6.20
C GLN B 185 6.01 13.80 6.48
N ALA B 186 5.29 13.25 5.47
CA ALA B 186 3.92 12.72 5.68
C ALA B 186 3.92 11.54 6.65
N VAL B 187 4.92 10.66 6.52
CA VAL B 187 5.08 9.47 7.36
C VAL B 187 5.64 9.81 8.74
N MET B 188 6.77 10.55 8.83
CA MET B 188 7.50 10.78 10.08
C MET B 188 7.31 12.13 10.75
N GLY B 189 6.66 13.07 10.07
CA GLY B 189 6.38 14.37 10.66
C GLY B 189 7.62 15.12 11.15
N SER B 190 7.53 15.60 12.40
CA SER B 190 8.58 16.38 13.07
C SER B 190 9.84 15.56 13.32
N SER B 191 9.73 14.21 13.27
CA SER B 191 10.86 13.30 13.45
C SER B 191 11.79 13.26 12.26
N TYR B 192 11.33 13.78 11.10
CA TYR B 192 12.10 13.84 9.86
C TYR B 192 13.16 14.96 9.88
N GLY B 193 14.41 14.55 10.12
CA GLY B 193 15.54 15.45 10.24
C GLY B 193 15.77 16.40 9.08
N PHE B 194 15.73 15.89 7.84
CA PHE B 194 16.04 16.68 6.64
C PHE B 194 15.11 17.84 6.34
N GLN B 195 14.01 17.98 7.07
CA GLN B 195 13.11 19.09 6.83
C GLN B 195 13.63 20.37 7.46
N TYR B 196 14.57 20.27 8.40
CA TYR B 196 15.10 21.37 9.21
C TYR B 196 16.40 22.06 8.78
N SER B 197 16.45 23.38 9.01
CA SER B 197 17.65 24.21 8.86
C SER B 197 18.43 24.01 10.20
N PRO B 198 19.71 24.42 10.33
CA PRO B 198 20.39 24.26 11.64
C PRO B 198 19.61 24.90 12.78
N GLY B 199 18.95 26.03 12.52
CA GLY B 199 18.15 26.78 13.49
C GLY B 199 16.97 25.99 14.00
N GLN B 200 16.10 25.55 13.08
CA GLN B 200 14.89 24.77 13.32
C GLN B 200 15.15 23.45 14.04
N ARG B 201 16.26 22.75 13.68
CA ARG B 201 16.65 21.47 14.27
C ARG B 201 16.94 21.71 15.72
N VAL B 202 17.59 22.81 16.04
CA VAL B 202 17.93 23.21 17.41
C VAL B 202 16.64 23.42 18.20
N GLU B 203 15.72 24.23 17.66
CA GLU B 203 14.43 24.57 18.22
C GLU B 203 13.62 23.30 18.56
N PHE B 204 13.64 22.30 17.63
CA PHE B 204 12.94 21.04 17.81
C PHE B 204 13.51 20.31 19.02
N LEU B 205 14.83 20.12 19.05
CA LEU B 205 15.48 19.40 20.14
C LEU B 205 15.23 20.01 21.49
N VAL B 206 15.33 21.36 21.58
CA VAL B 206 15.18 22.05 22.86
C VAL B 206 13.74 21.91 23.36
N ASN B 207 12.75 22.18 22.49
CA ASN B 207 11.35 22.01 22.83
C ASN B 207 11.05 20.57 23.25
N ALA B 208 11.58 19.58 22.50
CA ALA B 208 11.44 18.16 22.84
C ALA B 208 11.94 17.87 24.25
N TRP B 209 13.10 18.43 24.62
CA TRP B 209 13.72 18.27 25.93
C TRP B 209 12.85 18.94 27.02
N LYS B 210 12.49 20.23 26.80
CA LYS B 210 11.67 21.03 27.71
C LYS B 210 10.31 20.38 27.96
N ALA B 211 9.72 19.74 26.92
CA ALA B 211 8.41 19.08 26.95
C ALA B 211 8.32 17.91 27.93
N LYS B 212 9.45 17.28 28.31
CA LYS B 212 9.44 16.14 29.23
C LYS B 212 9.49 16.62 30.68
N LYS B 213 8.85 15.85 31.60
CA LYS B 213 8.86 16.14 33.05
C LYS B 213 10.29 15.96 33.54
N CYS B 214 10.87 14.78 33.29
CA CYS B 214 12.24 14.49 33.62
C CYS B 214 12.91 13.84 32.38
N PRO B 215 13.48 14.67 31.47
CA PRO B 215 14.03 14.11 30.22
C PRO B 215 15.31 13.32 30.34
N MET B 216 15.41 12.31 29.47
CA MET B 216 16.54 11.43 29.21
C MET B 216 16.70 11.35 27.66
N GLY B 217 17.94 11.28 27.20
CA GLY B 217 18.19 11.19 25.78
C GLY B 217 19.42 10.38 25.48
N PHE B 218 19.52 9.93 24.23
CA PHE B 218 20.65 9.15 23.75
C PHE B 218 20.72 9.21 22.23
N ALA B 219 21.91 8.99 21.71
CA ALA B 219 22.20 8.90 20.27
C ALA B 219 22.44 7.46 19.94
N TYR B 220 21.85 6.99 18.84
CA TYR B 220 22.06 5.61 18.41
C TYR B 220 22.81 5.60 17.11
N ASP B 221 24.05 5.12 17.16
CA ASP B 221 24.90 5.08 15.99
C ASP B 221 25.10 3.65 15.57
N THR B 222 24.59 3.34 14.38
CA THR B 222 24.67 2.00 13.79
C THR B 222 26.05 1.79 13.17
N ARG B 223 26.58 0.57 13.33
CA ARG B 223 27.84 0.18 12.73
C ARG B 223 27.48 -0.14 11.27
N CYS B 224 28.07 0.60 10.29
CA CYS B 224 27.85 0.50 8.82
C CYS B 224 26.37 0.40 8.47
N PHE B 225 25.61 1.50 8.67
CA PHE B 225 24.17 1.48 8.40
C PHE B 225 23.79 0.93 7.00
N ASP B 226 24.42 1.42 5.91
CA ASP B 226 24.10 0.94 4.56
C ASP B 226 24.27 -0.58 4.42
N SER B 227 25.29 -1.16 5.10
CA SER B 227 25.59 -2.59 5.12
C SER B 227 24.57 -3.41 5.88
N THR B 228 24.05 -2.86 6.99
CA THR B 228 23.01 -3.48 7.83
C THR B 228 21.66 -3.56 7.09
N VAL B 229 21.45 -2.69 6.06
CA VAL B 229 20.22 -2.64 5.26
C VAL B 229 20.11 -3.92 4.38
N THR B 230 19.12 -4.76 4.72
CA THR B 230 18.83 -6.03 4.07
C THR B 230 17.98 -5.80 2.81
N GLU B 231 17.90 -6.81 1.91
CA GLU B 231 17.08 -6.72 0.70
C GLU B 231 15.62 -6.62 1.13
N ASN B 232 15.27 -7.24 2.28
CA ASN B 232 13.91 -7.17 2.80
C ASN B 232 13.57 -5.73 3.19
N ASP B 233 14.54 -5.03 3.90
CA ASP B 233 14.43 -3.62 4.32
C ASP B 233 14.10 -2.75 3.12
N ILE B 234 14.81 -2.97 1.99
CA ILE B 234 14.59 -2.25 0.72
C ILE B 234 13.20 -2.54 0.15
N ARG B 235 12.74 -3.81 0.24
CA ARG B 235 11.42 -4.21 -0.26
C ARG B 235 10.29 -3.64 0.63
N VAL B 236 10.62 -3.44 1.92
CA VAL B 236 9.74 -2.83 2.92
C VAL B 236 9.57 -1.33 2.56
N GLU B 237 10.64 -0.66 2.13
CA GLU B 237 10.47 0.76 1.81
C GLU B 237 9.70 0.93 0.50
N GLU B 238 9.90 0.05 -0.49
CA GLU B 238 9.06 0.06 -1.70
C GLU B 238 7.56 -0.13 -1.31
N SER B 239 7.27 -0.98 -0.31
CA SER B 239 5.89 -1.18 0.09
C SER B 239 5.29 0.12 0.64
N ILE B 240 6.14 1.04 1.20
CA ILE B 240 5.71 2.36 1.70
C ILE B 240 5.48 3.29 0.49
N TYR B 241 6.46 3.32 -0.46
CA TYR B 241 6.33 4.11 -1.69
C TYR B 241 5.09 3.70 -2.47
N GLN B 242 4.82 2.38 -2.56
CA GLN B 242 3.67 1.80 -3.25
C GLN B 242 2.30 2.22 -2.68
N CYS B 243 2.24 2.79 -1.44
CA CYS B 243 1.01 3.31 -0.86
C CYS B 243 0.61 4.67 -1.46
N CYS B 244 1.53 5.34 -2.21
CA CYS B 244 1.23 6.61 -2.84
C CYS B 244 0.24 6.40 -3.93
N ASP B 245 -0.43 7.48 -4.33
CA ASP B 245 -1.22 7.44 -5.54
C ASP B 245 -0.15 7.75 -6.61
N LEU B 246 0.23 6.71 -7.34
CA LEU B 246 1.24 6.70 -8.37
C LEU B 246 0.61 6.44 -9.74
N ALA B 247 1.24 6.97 -10.78
CA ALA B 247 0.81 6.74 -12.13
C ALA B 247 1.35 5.35 -12.46
N PRO B 248 0.67 4.56 -13.34
CA PRO B 248 1.15 3.19 -13.60
C PRO B 248 2.62 3.07 -14.04
N GLU B 249 3.14 4.05 -14.81
CA GLU B 249 4.56 4.03 -15.22
C GLU B 249 5.48 4.24 -14.00
N ALA B 250 5.10 5.16 -13.09
CA ALA B 250 5.85 5.44 -11.87
C ALA B 250 5.90 4.19 -10.99
N ARG B 251 4.76 3.46 -10.92
CA ARG B 251 4.59 2.21 -10.19
C ARG B 251 5.54 1.13 -10.70
N GLN B 252 5.60 0.94 -12.06
CA GLN B 252 6.48 -0.02 -12.70
C GLN B 252 7.94 0.39 -12.57
N ALA B 253 8.23 1.70 -12.69
CA ALA B 253 9.59 2.17 -12.53
C ALA B 253 10.06 1.92 -11.11
N ILE B 254 9.26 2.29 -10.08
CA ILE B 254 9.60 2.00 -8.69
C ILE B 254 9.82 0.50 -8.50
N ARG B 255 8.92 -0.35 -9.06
CA ARG B 255 8.98 -1.81 -8.96
C ARG B 255 10.25 -2.38 -9.56
N SER B 256 10.56 -2.00 -10.84
CA SER B 256 11.78 -2.40 -11.58
C SER B 256 13.06 -1.86 -10.93
N LEU B 257 13.10 -0.59 -10.54
CA LEU B 257 14.24 0.00 -9.85
C LEU B 257 14.52 -0.69 -8.54
N THR B 258 13.48 -1.20 -7.86
CA THR B 258 13.69 -1.87 -6.58
C THR B 258 14.45 -3.15 -6.81
N GLU B 259 13.92 -3.95 -7.74
CA GLU B 259 14.46 -5.27 -8.07
C GLU B 259 15.82 -5.23 -8.72
N ARG B 260 15.95 -4.39 -9.73
CA ARG B 260 17.13 -4.25 -10.56
C ARG B 260 18.24 -3.35 -9.98
N LEU B 261 17.92 -2.42 -9.09
CA LEU B 261 18.93 -1.50 -8.58
C LEU B 261 19.06 -1.47 -7.06
N TYR B 262 18.01 -1.05 -6.36
CA TYR B 262 18.01 -0.81 -4.93
C TYR B 262 18.33 -2.01 -4.04
N ILE B 263 17.80 -3.22 -4.35
CA ILE B 263 18.09 -4.40 -3.49
C ILE B 263 19.56 -4.86 -3.62
N GLY B 264 20.19 -4.44 -4.71
CA GLY B 264 21.55 -4.83 -5.03
C GLY B 264 21.81 -4.95 -6.52
N GLY B 265 23.01 -5.42 -6.83
CA GLY B 265 23.48 -5.58 -8.19
C GLY B 265 24.98 -5.46 -8.31
N PRO B 266 25.49 -5.80 -9.53
CA PRO B 266 26.93 -5.76 -9.78
C PRO B 266 27.62 -4.43 -9.57
N LEU B 267 28.78 -4.50 -8.95
CA LEU B 267 29.67 -3.39 -8.66
C LEU B 267 30.78 -3.37 -9.70
N THR B 268 31.04 -2.19 -10.28
CA THR B 268 32.03 -1.97 -11.32
C THR B 268 32.93 -0.80 -10.96
N ASN B 269 34.27 -0.98 -11.06
CA ASN B 269 35.21 0.10 -10.78
C ASN B 269 35.29 1.12 -11.96
N SER B 270 35.99 2.26 -11.74
CA SER B 270 36.17 3.33 -12.75
C SER B 270 36.88 2.83 -14.03
N LYS B 271 37.67 1.73 -13.89
CA LYS B 271 38.38 1.05 -14.97
C LYS B 271 37.46 0.08 -15.78
N GLY B 272 36.18 -0.02 -15.40
CA GLY B 272 35.22 -0.86 -16.09
C GLY B 272 35.25 -2.34 -15.72
N GLN B 273 36.04 -2.71 -14.70
CA GLN B 273 36.10 -4.11 -14.25
C GLN B 273 35.12 -4.40 -13.12
N ASN B 274 34.51 -5.59 -13.14
CA ASN B 274 33.55 -6.08 -12.15
C ASN B 274 34.25 -6.38 -10.80
N CYS B 275 33.87 -5.64 -9.73
CA CYS B 275 34.43 -5.76 -8.35
C CYS B 275 33.70 -6.78 -7.50
N GLY B 276 32.41 -6.93 -7.73
CA GLY B 276 31.61 -7.83 -6.95
C GLY B 276 30.15 -7.50 -7.00
N TYR B 277 29.41 -7.99 -6.01
CA TYR B 277 27.97 -7.83 -5.90
C TYR B 277 27.60 -7.22 -4.54
N ARG B 278 26.68 -6.25 -4.55
CA ARG B 278 26.15 -5.63 -3.34
C ARG B 278 24.75 -6.21 -3.08
N ARG B 279 24.47 -6.51 -1.81
CA ARG B 279 23.15 -6.98 -1.36
C ARG B 279 22.65 -6.07 -0.21
N CYS B 280 23.07 -4.79 -0.25
CA CYS B 280 22.69 -3.75 0.70
C CYS B 280 22.36 -2.42 0.01
N ARG B 281 22.24 -1.35 0.79
CA ARG B 281 21.97 0.02 0.34
C ARG B 281 23.13 0.55 -0.50
N ALA B 282 22.77 1.12 -1.68
CA ALA B 282 23.66 1.84 -2.58
C ALA B 282 23.64 3.26 -2.04
N SER B 283 24.81 3.79 -1.68
CA SER B 283 24.95 5.13 -1.11
C SER B 283 24.61 6.29 -2.11
N GLY B 284 24.76 6.03 -3.41
CA GLY B 284 24.56 7.05 -4.45
C GLY B 284 23.28 7.00 -5.25
N VAL B 285 22.17 6.52 -4.65
CA VAL B 285 20.86 6.47 -5.33
C VAL B 285 19.93 7.55 -4.73
N LEU B 286 18.89 7.99 -5.45
CA LEU B 286 17.97 9.06 -5.02
C LEU B 286 17.27 8.73 -3.68
N THR B 287 16.93 7.42 -3.48
CA THR B 287 16.24 6.94 -2.29
C THR B 287 17.16 6.62 -1.08
N THR B 288 18.48 6.91 -1.16
CA THR B 288 19.40 6.62 -0.05
C THR B 288 19.02 7.33 1.27
N SER B 289 18.91 8.66 1.25
CA SER B 289 18.58 9.42 2.45
C SER B 289 17.21 9.05 2.98
N CYS B 290 16.20 9.19 2.12
CA CYS B 290 14.79 8.90 2.33
C CYS B 290 14.58 7.48 2.91
N GLY B 291 15.12 6.49 2.21
CA GLY B 291 15.09 5.08 2.58
C GLY B 291 15.79 4.81 3.89
N ASN B 292 16.97 5.41 4.10
CA ASN B 292 17.68 5.23 5.35
C ASN B 292 16.92 5.85 6.50
N THR B 293 16.26 6.99 6.28
CA THR B 293 15.47 7.70 7.28
C THR B 293 14.28 6.82 7.65
N LEU B 294 13.46 6.45 6.64
CA LEU B 294 12.30 5.58 6.87
C LEU B 294 12.70 4.28 7.58
N THR B 295 13.77 3.58 7.12
CA THR B 295 14.26 2.29 7.67
C THR B 295 14.68 2.44 9.12
N CYS B 296 15.52 3.45 9.38
CA CYS B 296 16.05 3.74 10.69
C CYS B 296 14.90 4.10 11.64
N TYR B 297 13.98 4.95 11.18
CA TYR B 297 12.82 5.38 11.94
C TYR B 297 11.97 4.15 12.29
N LEU B 298 11.72 3.28 11.29
CA LEU B 298 10.91 2.07 11.46
C LEU B 298 11.49 1.22 12.56
N LYS B 299 12.76 0.81 12.42
CA LYS B 299 13.44 -0.02 13.39
C LYS B 299 13.47 0.63 14.76
N ALA B 300 13.77 1.95 14.82
CA ALA B 300 13.84 2.70 16.08
C ALA B 300 12.49 2.86 16.80
N ALA B 301 11.42 3.11 16.06
CA ALA B 301 10.10 3.27 16.70
C ALA B 301 9.62 1.90 17.27
N ALA B 302 9.94 0.80 16.54
CA ALA B 302 9.66 -0.59 16.90
C ALA B 302 10.46 -0.95 18.16
N ALA B 303 11.77 -0.58 18.18
CA ALA B 303 12.65 -0.78 19.32
C ALA B 303 12.20 0.05 20.53
N CYS B 304 11.62 1.23 20.32
CA CYS B 304 11.09 2.05 21.42
C CYS B 304 9.97 1.30 22.15
N ARG B 305 9.11 0.60 21.38
CA ARG B 305 8.03 -0.22 21.91
C ARG B 305 8.57 -1.49 22.56
N ALA B 306 9.46 -2.22 21.88
CA ALA B 306 10.11 -3.41 22.42
C ALA B 306 10.76 -3.12 23.79
N ALA B 307 11.46 -1.99 23.92
CA ALA B 307 12.14 -1.58 25.15
C ALA B 307 11.20 -0.82 26.11
N LYS B 308 9.97 -0.59 25.70
CA LYS B 308 8.97 0.12 26.50
C LYS B 308 9.49 1.48 27.07
N LEU B 309 10.08 2.33 26.21
CA LEU B 309 10.52 3.68 26.58
C LEU B 309 9.27 4.55 26.61
N GLN B 310 9.17 5.49 27.55
CA GLN B 310 7.95 6.31 27.65
C GLN B 310 8.13 7.66 26.99
N ASP B 311 7.10 8.08 26.26
CA ASP B 311 6.99 9.32 25.50
C ASP B 311 8.27 9.65 24.73
N CYS B 312 8.54 8.84 23.71
CA CYS B 312 9.66 8.96 22.79
C CYS B 312 9.45 10.04 21.80
N THR B 313 10.48 10.84 21.63
CA THR B 313 10.58 11.85 20.59
C THR B 313 11.83 11.42 19.86
N MET B 314 11.72 11.27 18.56
CA MET B 314 12.83 10.84 17.74
C MET B 314 13.15 11.90 16.74
N LEU B 315 14.45 12.02 16.45
CA LEU B 315 14.97 12.86 15.40
C LEU B 315 15.85 11.92 14.56
N VAL B 316 15.37 11.63 13.35
CA VAL B 316 16.04 10.69 12.43
C VAL B 316 16.58 11.48 11.26
N ASN B 317 17.90 11.39 11.06
CA ASN B 317 18.57 12.16 10.00
C ASN B 317 19.44 11.16 9.22
N GLY B 318 18.78 10.45 8.30
CA GLY B 318 19.38 9.36 7.55
C GLY B 318 19.63 8.24 8.53
N ASP B 319 20.85 7.78 8.58
CA ASP B 319 21.27 6.71 9.50
C ASP B 319 21.44 7.19 10.99
N ASP B 320 21.43 8.53 11.21
CA ASP B 320 21.61 9.15 12.52
C ASP B 320 20.32 9.26 13.30
N LEU B 321 20.38 8.78 14.54
CA LEU B 321 19.25 8.75 15.42
C LEU B 321 19.48 9.36 16.82
N VAL B 322 18.55 10.19 17.27
CA VAL B 322 18.52 10.74 18.62
C VAL B 322 17.14 10.46 19.24
N VAL B 323 17.13 9.85 20.44
CA VAL B 323 15.88 9.57 21.14
C VAL B 323 15.82 10.37 22.44
N ILE B 324 14.74 11.16 22.59
CA ILE B 324 14.44 11.90 23.81
C ILE B 324 13.14 11.34 24.37
N CYS B 325 13.25 10.65 25.48
CA CYS B 325 12.14 10.03 26.16
C CYS B 325 11.96 10.57 27.60
N GLU B 326 11.16 9.83 28.39
CA GLU B 326 10.84 10.14 29.77
C GLU B 326 11.62 9.17 30.66
N SER B 327 12.47 9.72 31.54
CA SER B 327 13.30 8.94 32.45
C SER B 327 12.47 8.18 33.46
N ALA B 328 12.87 6.95 33.70
CA ALA B 328 12.20 6.06 34.65
C ALA B 328 13.21 5.68 35.72
N GLY B 329 14.28 6.44 35.83
CA GLY B 329 15.32 6.19 36.82
C GLY B 329 16.55 5.58 36.19
N THR B 330 17.69 5.95 36.73
CA THR B 330 19.01 5.54 36.29
C THR B 330 19.08 4.05 35.87
N GLN B 331 18.65 3.13 36.75
CA GLN B 331 18.75 1.70 36.51
C GLN B 331 17.77 1.21 35.44
N GLU B 332 16.55 1.78 35.44
CA GLU B 332 15.51 1.45 34.47
C GLU B 332 15.90 1.95 33.09
N ASP B 333 16.45 3.20 33.00
CA ASP B 333 16.95 3.83 31.77
C ASP B 333 18.07 3.02 31.14
N GLU B 334 18.99 2.51 31.97
CA GLU B 334 20.09 1.70 31.48
C GLU B 334 19.58 0.39 30.95
N ALA B 335 18.56 -0.17 31.64
CA ALA B 335 17.93 -1.42 31.25
C ALA B 335 17.20 -1.26 29.92
N SER B 336 16.40 -0.18 29.79
CA SER B 336 15.67 0.19 28.57
C SER B 336 16.60 0.31 27.36
N LEU B 337 17.76 1.00 27.53
CA LEU B 337 18.74 1.18 26.47
C LEU B 337 19.32 -0.13 25.96
N ARG B 338 19.64 -1.05 26.88
CA ARG B 338 20.15 -2.39 26.51
C ARG B 338 19.08 -3.14 25.70
N ALA B 339 17.79 -3.00 26.11
CA ALA B 339 16.66 -3.62 25.43
C ALA B 339 16.49 -3.02 24.04
N PHE B 340 16.63 -1.67 23.93
CA PHE B 340 16.55 -0.93 22.67
C PHE B 340 17.63 -1.46 21.73
N THR B 341 18.86 -1.62 22.23
CA THR B 341 19.97 -2.11 21.45
C THR B 341 19.76 -3.54 20.96
N GLU B 342 19.21 -4.43 21.86
CA GLU B 342 18.92 -5.83 21.55
C GLU B 342 17.88 -5.91 20.43
N ALA B 343 16.84 -5.06 20.50
CA ALA B 343 15.77 -4.99 19.49
C ALA B 343 16.36 -4.54 18.14
N MET B 344 17.13 -3.40 18.11
CA MET B 344 17.80 -2.84 16.93
C MET B 344 18.69 -3.87 16.27
N THR B 345 19.46 -4.62 17.09
CA THR B 345 20.36 -5.68 16.63
C THR B 345 19.56 -6.78 15.94
N ARG B 346 18.41 -7.19 16.52
CA ARG B 346 17.53 -8.20 15.93
C ARG B 346 16.99 -7.69 14.59
N TYR B 347 16.65 -6.39 14.50
CA TYR B 347 16.16 -5.70 13.29
C TYR B 347 17.23 -5.54 12.23
N SER B 348 18.47 -5.96 12.55
CA SER B 348 19.66 -5.88 11.71
C SER B 348 20.18 -4.45 11.68
N ALA B 349 20.33 -3.83 12.85
CA ALA B 349 20.87 -2.47 13.02
C ALA B 349 21.70 -2.47 14.33
N PRO B 350 22.81 -3.26 14.41
CA PRO B 350 23.58 -3.29 15.67
C PRO B 350 24.33 -1.99 15.88
N PRO B 351 24.77 -1.68 17.11
CA PRO B 351 25.46 -0.39 17.31
C PRO B 351 26.95 -0.43 17.02
N GLY B 352 27.51 0.75 16.78
CA GLY B 352 28.94 0.94 16.66
C GLY B 352 29.41 1.04 18.08
N ASP B 353 29.04 2.15 18.74
CA ASP B 353 29.29 2.36 20.17
C ASP B 353 27.96 2.14 20.88
N PRO B 354 27.93 1.40 22.02
CA PRO B 354 26.64 1.21 22.72
C PRO B 354 26.14 2.54 23.27
N PRO B 355 24.82 2.83 23.16
CA PRO B 355 24.31 4.14 23.61
C PRO B 355 24.43 4.37 25.11
N LYS B 356 24.58 5.65 25.47
CA LYS B 356 24.70 6.08 26.85
C LYS B 356 23.52 6.97 27.13
N PRO B 357 22.81 6.80 28.25
CA PRO B 357 21.72 7.73 28.58
C PRO B 357 22.32 9.06 29.08
N GLU B 358 21.68 10.17 28.76
CA GLU B 358 22.18 11.47 29.12
C GLU B 358 21.08 12.23 29.80
N TYR B 359 21.45 13.11 30.74
CA TYR B 359 20.44 13.85 31.49
C TYR B 359 20.58 15.37 31.30
N ASP B 360 21.51 15.79 30.41
CA ASP B 360 21.70 17.15 29.91
C ASP B 360 21.66 17.02 28.38
N LEU B 361 20.88 17.87 27.70
CA LEU B 361 20.75 17.90 26.24
C LEU B 361 22.12 18.15 25.58
N GLU B 362 22.92 19.06 26.19
CA GLU B 362 24.27 19.44 25.78
C GLU B 362 25.23 18.24 25.81
N LEU B 363 24.84 17.15 26.50
CA LEU B 363 25.71 15.99 26.61
C LEU B 363 25.51 14.94 25.50
N ILE B 364 24.42 15.06 24.71
CA ILE B 364 24.22 14.14 23.60
C ILE B 364 25.04 14.59 22.38
N THR B 365 25.80 13.64 21.75
CA THR B 365 26.57 13.86 20.51
C THR B 365 26.00 13.06 19.34
N SER B 366 25.59 13.73 18.28
CA SER B 366 25.03 13.13 17.07
C SER B 366 25.42 13.99 15.87
N CYS B 367 25.90 13.35 14.77
CA CYS B 367 26.42 13.96 13.54
C CYS B 367 27.65 14.78 13.92
N SER B 368 28.47 14.22 14.84
CA SER B 368 29.70 14.81 15.41
C SER B 368 29.42 16.09 16.23
N SER B 369 28.14 16.46 16.44
CA SER B 369 27.72 17.71 17.04
C SER B 369 27.06 17.57 18.39
N ASN B 370 26.82 18.73 19.01
CA ASN B 370 26.16 18.90 20.28
C ASN B 370 25.62 20.31 20.44
N VAL B 371 24.55 20.42 21.22
CA VAL B 371 23.93 21.68 21.63
C VAL B 371 24.83 22.41 22.63
N SER B 372 24.94 23.71 22.46
CA SER B 372 25.56 24.60 23.41
C SER B 372 24.70 25.87 23.47
N VAL B 373 25.03 26.76 24.45
CA VAL B 373 24.29 28.00 24.71
C VAL B 373 25.23 29.18 24.76
N ALA B 374 24.77 30.29 24.22
CA ALA B 374 25.41 31.60 24.20
C ALA B 374 24.25 32.61 24.45
N HIS B 375 24.51 33.91 24.38
CA HIS B 375 23.43 34.85 24.63
C HIS B 375 23.25 35.77 23.47
N ASP B 376 22.03 36.29 23.28
CA ASP B 376 21.79 37.18 22.13
C ASP B 376 22.18 38.64 22.46
N ALA B 377 21.82 39.58 21.56
CA ALA B 377 22.08 41.01 21.73
C ALA B 377 21.32 41.60 22.93
N SER B 378 20.29 40.91 23.45
CA SER B 378 19.56 41.39 24.62
C SER B 378 19.86 40.55 25.88
N GLY B 379 20.81 39.62 25.79
CA GLY B 379 21.25 38.82 26.92
C GLY B 379 20.45 37.58 27.22
N LYS B 380 19.50 37.20 26.31
CA LYS B 380 18.70 35.98 26.37
C LYS B 380 19.56 34.75 25.92
N ARG B 381 19.45 33.59 26.67
CA ARG B 381 20.09 32.30 26.37
C ARG B 381 19.64 31.86 24.98
N VAL B 382 20.58 31.32 24.19
CA VAL B 382 20.36 30.86 22.82
C VAL B 382 21.14 29.58 22.64
N TYR B 383 20.46 28.56 22.13
CA TYR B 383 21.07 27.26 21.88
C TYR B 383 21.47 27.17 20.45
N TYR B 384 22.58 26.47 20.18
CA TYR B 384 23.08 26.28 18.81
C TYR B 384 23.85 24.97 18.78
N LEU B 385 24.02 24.38 17.58
CA LEU B 385 24.79 23.14 17.47
C LEU B 385 26.22 23.51 17.22
N THR B 386 27.11 22.80 17.88
CA THR B 386 28.54 23.00 17.73
C THR B 386 29.20 21.61 17.63
N ARG B 387 30.53 21.55 17.66
CA ARG B 387 31.26 20.30 17.59
C ARG B 387 32.71 20.58 17.99
N ASP B 388 33.54 19.53 18.18
CA ASP B 388 34.96 19.70 18.49
C ASP B 388 35.57 20.35 17.21
N PRO B 389 36.29 21.49 17.34
CA PRO B 389 36.77 22.16 16.13
C PRO B 389 38.02 21.55 15.47
N THR B 390 38.67 20.55 16.10
CA THR B 390 39.89 19.90 15.58
C THR B 390 39.82 19.50 14.09
N THR B 391 38.84 18.68 13.69
CA THR B 391 38.75 18.25 12.28
C THR B 391 38.42 19.44 11.37
N PRO B 392 37.37 20.28 11.64
CA PRO B 392 37.13 21.44 10.76
C PRO B 392 38.38 22.29 10.55
N LEU B 393 39.18 22.55 11.62
CA LEU B 393 40.41 23.34 11.56
C LEU B 393 41.52 22.69 10.79
N ALA B 394 41.76 21.38 11.01
CA ALA B 394 42.79 20.62 10.28
C ALA B 394 42.45 20.54 8.78
N ARG B 395 41.20 20.22 8.42
CA ARG B 395 40.77 20.14 7.03
C ARG B 395 40.97 21.51 6.37
N ALA B 396 40.66 22.63 7.10
CA ALA B 396 40.81 24.00 6.60
C ALA B 396 42.29 24.35 6.47
N ALA B 397 43.15 23.78 7.33
CA ALA B 397 44.59 24.03 7.29
C ALA B 397 45.16 23.34 6.06
N TRP B 398 44.62 22.16 5.70
CA TRP B 398 44.99 21.41 4.52
C TRP B 398 44.52 22.20 3.28
N GLU B 399 43.30 22.74 3.35
CA GLU B 399 42.69 23.43 2.23
C GLU B 399 43.43 24.71 1.88
N THR B 400 43.96 25.46 2.89
CA THR B 400 44.77 26.66 2.61
C THR B 400 46.13 26.26 2.02
N ALA B 401 46.71 25.12 2.48
CA ALA B 401 47.98 24.56 2.03
C ALA B 401 47.99 24.14 0.55
N ARG B 402 46.88 23.57 0.07
CA ARG B 402 46.80 23.10 -1.31
C ARG B 402 45.41 23.25 -1.88
N HIS B 403 45.33 23.76 -3.13
CA HIS B 403 44.07 23.98 -3.86
C HIS B 403 43.23 22.71 -3.90
N THR B 404 41.96 22.81 -3.48
CA THR B 404 41.03 21.68 -3.47
C THR B 404 39.71 22.11 -4.12
N PRO B 405 39.03 21.23 -4.86
CA PRO B 405 37.69 21.60 -5.39
C PRO B 405 36.59 21.47 -4.32
N VAL B 406 36.97 20.89 -3.17
CA VAL B 406 36.25 20.54 -1.94
C VAL B 406 35.73 21.74 -1.11
N ASN B 407 36.65 22.60 -0.55
CA ASN B 407 36.39 23.77 0.33
C ASN B 407 35.43 23.44 1.48
N SER B 408 35.81 22.44 2.33
CA SER B 408 35.10 22.00 3.54
C SER B 408 34.84 23.15 4.54
N TRP B 409 35.78 24.11 4.58
CA TRP B 409 35.77 25.30 5.42
C TRP B 409 34.52 26.13 5.19
N LEU B 410 34.02 26.16 3.94
CA LEU B 410 32.85 26.97 3.66
C LEU B 410 31.57 26.28 4.14
N GLY B 411 31.57 24.96 4.06
CA GLY B 411 30.45 24.19 4.61
C GLY B 411 30.39 24.33 6.12
N ASN B 412 31.57 24.32 6.82
CA ASN B 412 31.66 24.53 8.24
C ASN B 412 31.25 25.92 8.69
N ILE B 413 31.48 26.95 7.85
CA ILE B 413 31.04 28.33 8.14
C ILE B 413 29.54 28.33 8.08
N ILE B 414 28.95 27.73 7.04
CA ILE B 414 27.49 27.66 6.89
C ILE B 414 26.82 26.82 8.01
N MET B 415 27.26 25.57 8.21
CA MET B 415 26.75 24.70 9.27
C MET B 415 26.91 25.28 10.73
N TYR B 416 28.13 25.78 11.06
CA TYR B 416 28.47 26.26 12.39
C TYR B 416 28.65 27.77 12.53
N ALA B 417 27.93 28.54 11.71
CA ALA B 417 28.01 30.00 11.75
C ALA B 417 27.87 30.61 13.15
N PRO B 418 26.95 30.19 14.06
CA PRO B 418 26.95 30.86 15.38
C PRO B 418 28.05 30.37 16.35
N THR B 419 28.83 29.37 15.97
CA THR B 419 29.89 28.91 16.87
C THR B 419 31.01 29.95 17.01
N LEU B 420 31.67 29.92 18.14
CA LEU B 420 32.77 30.81 18.46
C LEU B 420 33.91 30.61 17.48
N TRP B 421 34.28 29.34 17.18
CA TRP B 421 35.40 28.99 16.29
C TRP B 421 35.15 29.28 14.80
N ALA B 422 33.93 29.15 14.32
CA ALA B 422 33.65 29.41 12.92
C ALA B 422 33.71 30.90 12.64
N ARG B 423 33.21 31.70 13.61
CA ARG B 423 33.16 33.17 13.55
C ARG B 423 34.53 33.81 13.69
N MET B 424 35.24 33.43 14.74
CA MET B 424 36.53 34.02 15.04
C MET B 424 37.64 33.46 14.21
N ILE B 425 37.68 32.16 13.93
CA ILE B 425 38.81 31.62 13.20
C ILE B 425 38.53 31.41 11.74
N LEU B 426 37.52 30.61 11.37
CA LEU B 426 37.27 30.30 9.95
C LEU B 426 36.90 31.50 9.12
N MET B 427 35.93 32.32 9.56
CA MET B 427 35.51 33.53 8.84
C MET B 427 36.64 34.53 8.68
N THR B 428 37.42 34.74 9.76
CA THR B 428 38.51 35.70 9.76
C THR B 428 39.61 35.32 8.77
N HIS B 429 40.09 34.08 8.88
CA HIS B 429 41.16 33.54 8.06
C HIS B 429 40.82 33.55 6.56
N PHE B 430 39.63 33.04 6.20
CA PHE B 430 39.24 32.90 4.80
C PHE B 430 38.76 34.18 4.14
N PHE B 431 38.17 35.12 4.89
CA PHE B 431 37.84 36.38 4.25
C PHE B 431 39.13 37.19 4.00
N SER B 432 40.17 37.03 4.84
CA SER B 432 41.44 37.71 4.60
C SER B 432 42.14 37.16 3.33
N ILE B 433 41.97 35.85 3.05
CA ILE B 433 42.53 35.20 1.87
C ILE B 433 41.78 35.64 0.61
N LEU B 434 40.44 35.63 0.64
CA LEU B 434 39.61 36.08 -0.48
C LEU B 434 39.91 37.53 -0.83
N LEU B 435 40.15 38.36 0.22
CA LEU B 435 40.50 39.77 0.10
C LEU B 435 41.84 39.93 -0.62
N ALA B 436 42.84 39.11 -0.21
CA ALA B 436 44.19 39.05 -0.76
C ALA B 436 44.24 38.41 -2.15
N GLN B 437 43.12 37.94 -2.68
CA GLN B 437 43.12 37.26 -3.95
C GLN B 437 42.04 37.84 -4.82
N GLU B 438 41.38 38.92 -4.34
CA GLU B 438 40.25 39.60 -5.00
C GLU B 438 39.26 38.54 -5.57
N GLN B 439 38.86 37.57 -4.71
CA GLN B 439 38.00 36.43 -5.05
C GLN B 439 36.69 36.32 -4.25
N LEU B 440 36.25 37.44 -3.66
CA LEU B 440 35.00 37.51 -2.89
C LEU B 440 33.76 37.15 -3.73
N GLU B 441 33.76 37.61 -5.00
CA GLU B 441 32.70 37.41 -5.99
C GLU B 441 32.65 35.97 -6.54
N LYS B 442 33.80 35.24 -6.55
CA LYS B 442 33.95 33.87 -7.08
C LYS B 442 33.19 32.77 -6.27
N ALA B 443 32.18 32.13 -6.91
CA ALA B 443 31.42 31.03 -6.30
C ALA B 443 32.28 29.80 -6.13
N LEU B 444 32.27 29.26 -4.91
CA LEU B 444 33.04 28.08 -4.52
C LEU B 444 32.10 26.91 -4.30
N ASP B 445 32.64 25.71 -4.44
CA ASP B 445 31.88 24.49 -4.23
C ASP B 445 32.24 23.95 -2.86
N CYS B 446 31.23 23.68 -2.02
CA CYS B 446 31.47 23.15 -0.68
C CYS B 446 30.60 21.95 -0.35
N GLN B 447 31.15 21.00 0.40
CA GLN B 447 30.38 19.85 0.85
C GLN B 447 29.88 20.08 2.29
N ILE B 448 28.54 20.02 2.49
CA ILE B 448 27.91 20.09 3.80
C ILE B 448 27.25 18.73 3.99
N TYR B 449 27.88 17.93 4.83
CA TYR B 449 27.50 16.57 5.17
C TYR B 449 27.54 15.72 3.92
N GLY B 450 26.43 15.64 3.20
CA GLY B 450 26.42 14.90 1.94
C GLY B 450 26.58 15.76 0.71
N ALA B 451 25.74 16.80 0.62
CA ALA B 451 25.62 17.66 -0.53
C ALA B 451 26.73 18.70 -0.80
N CYS B 452 27.01 18.90 -2.09
CA CYS B 452 27.95 19.91 -2.58
C CYS B 452 27.09 21.08 -3.04
N TYR B 453 27.40 22.32 -2.63
CA TYR B 453 26.64 23.52 -3.00
C TYR B 453 27.56 24.60 -3.61
N SER B 454 27.05 25.33 -4.60
CA SER B 454 27.84 26.42 -5.20
C SER B 454 27.46 27.69 -4.46
N ILE B 455 28.43 28.26 -3.73
CA ILE B 455 28.15 29.42 -2.91
C ILE B 455 29.11 30.54 -3.17
N GLU B 456 28.55 31.75 -3.27
CA GLU B 456 29.34 32.97 -3.37
C GLU B 456 29.58 33.43 -1.94
N PRO B 457 30.86 33.57 -1.53
CA PRO B 457 31.16 34.04 -0.16
C PRO B 457 30.43 35.32 0.23
N LEU B 458 30.17 36.20 -0.74
CA LEU B 458 29.45 37.47 -0.55
C LEU B 458 27.98 37.27 -0.15
N ASP B 459 27.47 36.06 -0.34
CA ASP B 459 26.10 35.75 0.05
C ASP B 459 26.00 35.15 1.43
N LEU B 460 27.14 34.80 2.08
CA LEU B 460 27.13 34.20 3.42
C LEU B 460 26.18 34.92 4.41
N PRO B 461 26.13 36.27 4.55
CA PRO B 461 25.19 36.87 5.53
C PRO B 461 23.71 36.46 5.37
N GLN B 462 23.17 36.52 4.14
CA GLN B 462 21.78 36.10 3.89
C GLN B 462 21.58 34.62 4.23
N ILE B 463 22.52 33.75 3.78
CA ILE B 463 22.50 32.33 4.04
C ILE B 463 22.44 32.09 5.52
N ILE B 464 23.41 32.64 6.28
CA ILE B 464 23.49 32.53 7.73
C ILE B 464 22.21 33.03 8.38
N GLN B 465 21.70 34.18 7.95
CA GLN B 465 20.44 34.69 8.52
C GLN B 465 19.29 33.71 8.33
N ARG B 466 19.10 33.13 7.12
CA ARG B 466 18.01 32.15 6.92
C ARG B 466 18.12 30.85 7.72
N LEU B 467 19.31 30.24 7.76
CA LEU B 467 19.54 28.97 8.42
C LEU B 467 19.68 29.03 9.93
N HIS B 468 20.17 30.17 10.49
CA HIS B 468 20.47 30.33 11.91
C HIS B 468 19.71 31.47 12.64
N GLY B 469 19.16 32.42 11.90
CA GLY B 469 18.51 33.57 12.52
C GLY B 469 19.51 34.70 12.70
N LEU B 470 19.00 35.92 12.95
CA LEU B 470 19.79 37.14 13.12
C LEU B 470 20.70 37.11 14.34
N SER B 471 20.34 36.32 15.35
CA SER B 471 21.17 36.20 16.56
C SER B 471 22.54 35.59 16.30
N ALA B 472 22.76 34.97 15.11
CA ALA B 472 24.01 34.33 14.68
C ALA B 472 25.17 35.34 14.58
N PHE B 473 24.83 36.61 14.49
CA PHE B 473 25.80 37.67 14.35
C PHE B 473 25.95 38.44 15.64
N SER B 474 25.29 37.95 16.71
CA SER B 474 25.21 38.64 18.01
C SER B 474 25.54 37.76 19.21
N LEU B 475 25.84 36.47 18.96
CA LEU B 475 26.13 35.59 20.07
C LEU B 475 27.39 36.03 20.79
N HIS B 476 27.35 35.91 22.11
CA HIS B 476 28.44 36.22 23.01
C HIS B 476 28.19 35.48 24.29
N SER B 477 29.10 35.64 25.25
CA SER B 477 29.06 35.02 26.55
C SER B 477 28.76 33.52 26.40
N TYR B 478 29.68 32.87 25.72
CA TYR B 478 29.71 31.45 25.43
C TYR B 478 30.02 30.64 26.68
N SER B 479 29.61 29.39 26.68
CA SER B 479 29.84 28.53 27.85
C SER B 479 31.35 28.31 28.10
N PRO B 480 31.76 28.25 29.40
CA PRO B 480 33.18 27.96 29.70
C PRO B 480 33.69 26.69 29.03
N GLY B 481 32.85 25.67 28.96
CA GLY B 481 33.17 24.39 28.32
C GLY B 481 33.54 24.55 26.85
N GLU B 482 32.70 25.32 26.10
CA GLU B 482 32.94 25.62 24.71
C GLU B 482 34.19 26.47 24.56
N ILE B 483 34.35 27.54 25.37
CA ILE B 483 35.52 28.39 25.26
C ILE B 483 36.77 27.57 25.50
N ASN B 484 36.78 26.75 26.56
CA ASN B 484 37.93 25.91 26.88
C ASN B 484 38.22 24.90 25.79
N ARG B 485 37.18 24.29 25.19
CA ARG B 485 37.35 23.34 24.10
C ARG B 485 38.06 24.00 22.92
N VAL B 486 37.58 25.20 22.54
CA VAL B 486 38.12 25.97 21.44
C VAL B 486 39.58 26.38 21.76
N ALA B 487 39.83 26.93 22.95
CA ALA B 487 41.17 27.35 23.32
C ALA B 487 42.18 26.20 23.38
N SER B 488 41.79 25.07 23.99
CA SER B 488 42.68 23.91 24.10
C SER B 488 43.02 23.40 22.74
N CYS B 489 42.03 23.41 21.85
CA CYS B 489 42.20 22.94 20.51
C CYS B 489 43.20 23.75 19.71
N LEU B 490 43.15 25.10 19.84
CA LEU B 490 44.04 26.05 19.18
C LEU B 490 45.48 25.77 19.64
N ARG B 491 45.68 25.61 20.96
CA ARG B 491 46.97 25.30 21.60
C ARG B 491 47.52 23.99 21.02
N LYS B 492 46.68 22.96 20.92
CA LYS B 492 47.09 21.68 20.39
C LYS B 492 47.49 21.77 18.91
N LEU B 493 46.79 22.58 18.12
CA LEU B 493 47.07 22.69 16.69
C LEU B 493 48.03 23.81 16.29
N GLY B 494 48.57 24.54 17.25
CA GLY B 494 49.51 25.61 16.95
C GLY B 494 48.92 26.83 16.29
N VAL B 495 47.58 26.98 16.39
CA VAL B 495 46.79 28.10 15.86
C VAL B 495 46.92 29.26 16.85
N PRO B 496 47.08 30.54 16.37
CA PRO B 496 47.14 31.66 17.34
C PRO B 496 45.87 31.79 18.21
N PRO B 497 46.00 32.33 19.46
CA PRO B 497 44.83 32.46 20.34
C PRO B 497 43.78 33.45 19.83
N LEU B 498 42.59 33.39 20.43
CA LEU B 498 41.42 34.21 20.13
C LEU B 498 41.68 35.72 20.11
N ARG B 499 42.56 36.24 20.96
CA ARG B 499 42.87 37.68 20.94
C ARG B 499 43.51 38.09 19.61
N VAL B 500 44.35 37.21 19.00
CA VAL B 500 45.02 37.43 17.71
C VAL B 500 43.95 37.57 16.62
N TRP B 501 42.97 36.63 16.64
CA TRP B 501 41.85 36.60 15.69
C TRP B 501 40.97 37.86 15.76
N ARG B 502 40.76 38.39 16.97
CA ARG B 502 40.00 39.62 17.21
C ARG B 502 40.62 40.74 16.37
N HIS B 503 41.96 40.96 16.56
CA HIS B 503 42.81 41.92 15.88
C HIS B 503 42.77 41.71 14.35
N ARG B 504 42.92 40.48 13.88
CA ARG B 504 42.86 40.21 12.45
C ARG B 504 41.49 40.54 11.83
N ALA B 505 40.40 40.20 12.52
CA ALA B 505 39.04 40.45 12.03
C ALA B 505 38.70 41.92 11.94
N ARG B 506 39.41 42.75 12.72
CA ARG B 506 39.24 44.22 12.66
C ARG B 506 39.75 44.77 11.30
N SER B 507 40.90 44.25 10.77
CA SER B 507 41.40 44.66 9.44
C SER B 507 40.48 44.15 8.38
N VAL B 508 40.16 42.84 8.46
CA VAL B 508 39.27 42.20 7.49
C VAL B 508 37.96 43.00 7.41
N ARG B 509 37.35 43.34 8.57
CA ARG B 509 36.14 44.13 8.66
C ARG B 509 36.30 45.49 7.95
N ALA B 510 37.30 46.27 8.37
CA ALA B 510 37.70 47.57 7.84
C ALA B 510 37.82 47.53 6.30
N ARG B 511 38.63 46.61 5.76
CA ARG B 511 38.77 46.42 4.32
C ARG B 511 37.43 46.03 3.64
N LEU B 512 36.60 45.21 4.30
CA LEU B 512 35.34 44.80 3.70
C LEU B 512 34.38 45.98 3.61
N LEU B 513 34.29 46.79 4.69
CA LEU B 513 33.42 47.95 4.76
C LEU B 513 33.74 48.94 3.63
N SER B 514 35.03 49.18 3.41
CA SER B 514 35.55 50.12 2.42
C SER B 514 35.26 49.70 0.98
N GLN B 515 34.67 48.51 0.76
CA GLN B 515 34.40 48.01 -0.59
C GLN B 515 32.93 48.14 -1.01
N GLY B 516 32.05 48.44 -0.05
CA GLY B 516 30.62 48.59 -0.27
C GLY B 516 29.90 47.33 -0.70
N GLY B 517 28.59 47.47 -0.88
CA GLY B 517 27.72 46.39 -1.34
C GLY B 517 27.71 45.20 -0.42
N ARG B 518 27.69 44.01 -1.03
CA ARG B 518 27.67 42.74 -0.34
C ARG B 518 28.90 42.54 0.55
N ALA B 519 30.08 43.00 0.08
CA ALA B 519 31.34 42.95 0.81
C ALA B 519 31.22 43.74 2.12
N ALA B 520 30.56 44.92 2.07
CA ALA B 520 30.40 45.71 3.28
C ALA B 520 29.42 45.01 4.23
N THR B 521 28.41 44.29 3.67
CA THR B 521 27.44 43.51 4.46
C THR B 521 28.17 42.37 5.21
N CYS B 522 29.14 41.73 4.51
CA CYS B 522 30.02 40.72 5.12
C CYS B 522 30.81 41.34 6.29
N GLY B 523 31.40 42.52 6.09
CA GLY B 523 32.14 43.21 7.14
C GLY B 523 31.26 43.59 8.33
N LYS B 524 30.10 44.21 8.04
CA LYS B 524 29.13 44.67 9.02
C LYS B 524 28.56 43.53 9.88
N TYR B 525 27.91 42.54 9.24
CA TYR B 525 27.24 41.40 9.89
C TYR B 525 28.17 40.32 10.41
N LEU B 526 29.08 39.81 9.56
CA LEU B 526 29.95 38.72 9.98
C LEU B 526 31.02 39.10 11.00
N PHE B 527 31.36 40.40 11.11
CA PHE B 527 32.45 40.76 11.99
C PHE B 527 32.09 41.77 13.06
N ASN B 528 30.79 41.90 13.36
CA ASN B 528 30.36 42.77 14.46
C ASN B 528 30.95 42.35 15.80
N TRP B 529 31.10 41.04 16.02
CA TRP B 529 31.72 40.50 17.24
C TRP B 529 33.08 41.07 17.54
N ALA B 530 33.82 41.51 16.50
CA ALA B 530 35.20 41.97 16.52
C ALA B 530 35.44 43.45 16.82
N VAL B 531 34.41 44.34 16.67
CA VAL B 531 34.56 45.78 16.93
C VAL B 531 34.17 46.20 18.34
N ARG B 532 34.80 47.30 18.84
CA ARG B 532 34.53 47.88 20.18
C ARG B 532 33.09 48.32 20.28
N THR B 533 32.65 49.23 19.37
CA THR B 533 31.30 49.76 19.35
C THR B 533 30.53 49.07 18.24
N LYS B 534 29.56 48.24 18.64
CA LYS B 534 28.73 47.44 17.74
C LYS B 534 27.69 48.26 16.99
N LEU B 535 27.54 47.95 15.70
CA LEU B 535 26.57 48.51 14.78
C LEU B 535 25.26 47.72 14.89
N LYS B 536 24.10 48.39 14.69
CA LYS B 536 22.79 47.73 14.73
C LYS B 536 22.67 46.91 13.46
N LEU B 537 22.29 45.62 13.64
CA LEU B 537 22.09 44.66 12.56
C LEU B 537 20.62 44.33 12.38
N THR B 538 20.01 44.97 11.40
CA THR B 538 18.61 44.84 11.02
C THR B 538 18.48 43.62 10.11
N PRO B 539 17.32 42.95 9.97
CA PRO B 539 17.26 41.80 9.04
C PRO B 539 17.63 42.21 7.62
N ILE B 540 18.45 41.40 6.94
CA ILE B 540 18.89 41.66 5.56
C ILE B 540 17.66 41.49 4.66
N PRO B 541 17.26 42.54 3.91
CA PRO B 541 16.06 42.43 3.05
C PRO B 541 16.18 41.34 2.00
N ALA B 542 17.36 41.24 1.34
CA ALA B 542 17.65 40.24 0.30
C ALA B 542 17.64 38.78 0.79
N ALA B 543 17.59 38.57 2.12
CA ALA B 543 17.58 37.23 2.71
C ALA B 543 16.24 36.52 2.52
N SER B 544 15.13 37.29 2.33
CA SER B 544 13.79 36.72 2.11
C SER B 544 13.70 36.10 0.72
N GLN B 545 14.31 36.75 -0.31
CA GLN B 545 14.33 36.27 -1.70
C GLN B 545 15.29 35.09 -1.89
N LEU B 546 16.22 34.96 -0.90
CA LEU B 546 17.24 33.91 -0.79
C LEU B 546 16.53 32.59 -0.48
N ASP B 547 16.36 31.78 -1.52
CA ASP B 547 15.73 30.48 -1.41
C ASP B 547 16.77 29.49 -0.88
N LEU B 548 16.91 28.35 -1.56
CA LEU B 548 17.84 27.25 -1.23
C LEU B 548 17.99 26.41 -2.51
N SER B 549 18.34 25.11 -2.39
CA SER B 549 18.45 24.13 -3.47
C SER B 549 19.39 24.51 -4.65
N SER B 550 20.11 25.65 -4.57
CA SER B 550 21.05 26.08 -5.60
C SER B 550 22.43 25.43 -5.30
N TRP B 551 22.52 24.14 -5.69
CA TRP B 551 23.67 23.29 -5.46
C TRP B 551 24.09 22.41 -6.65
N PHE B 552 25.33 21.90 -6.57
CA PHE B 552 26.00 21.03 -7.52
C PHE B 552 26.22 19.70 -6.81
N1 23E C . -47.18 -32.56 -11.44
C2 23E C . -48.23 -33.60 -11.51
C3 23E C . -49.27 -33.47 -10.36
N4 23E C . -49.92 -32.29 -10.30
C5 23E C . -50.97 -31.91 -9.43
O6 23E C . -49.40 -34.35 -9.54
C7 23E C . -51.37 -32.59 -8.28
C8 23E C . -52.37 -32.10 -7.48
C9 23E C . -53.03 -30.90 -7.80
C10 23E C . -52.61 -30.21 -8.93
C11 23E C . -51.60 -30.70 -9.74
C12 23E C . -54.18 -30.40 -7.05
C13 23E C . -54.75 -30.92 -5.97
C14 23E C . -55.89 -30.26 -5.29
O15 23E C . -56.35 -29.21 -5.75
C16 23E C . -47.56 -34.98 -11.56
C17 23E C . -48.94 -33.54 -12.88
C18 23E C . -48.54 -35.86 -12.34
C19 23E C . -49.56 -34.91 -13.00
O20 23E C . -56.37 -30.86 -4.22
C21 23E C . -46.60 -32.21 -10.26
C22 23E C . -45.64 -31.05 -10.27
C23 23E C . -44.60 -31.00 -9.34
C24 23E C . -43.69 -29.96 -9.33
C25 23E C . -45.79 -30.02 -11.19
N26 23E C . -44.74 -27.92 -12.07
C27 23E C . -44.86 -29.00 -11.21
C28 23E C . -43.77 -28.97 -10.32
C29 23E C . -42.93 -27.87 -10.71
C30 23E C . -43.57 -27.25 -11.77
C31 23E C . -41.58 -27.52 -10.14
C32 23E C . -43.23 -26.04 -12.54
C33 23E C . -41.66 -26.94 -8.73
C34 23E C . -40.28 -26.58 -8.18
C35 23E C . -39.33 -27.76 -8.24
C36 23E C . -39.22 -28.28 -9.66
C37 23E C . -40.58 -28.71 -10.17
O38 23E C . -46.85 -32.81 -9.22
C39 23E C . -42.75 -24.90 -11.86
C40 23E C . -42.37 -23.78 -12.57
C41 23E C . -42.42 -23.77 -13.96
C42 23E C . -42.89 -24.87 -14.65
C43 23E C . -43.34 -26.00 -13.95
C44 23E C . -45.73 -27.49 -13.08
N45 23E C . -43.95 -27.02 -14.72
C46 23E C . -45.02 -27.77 -14.39
O47 23E C . -45.37 -28.71 -15.11
HN1 23E C . -46.89 -32.16 -12.32
HN4 23E C . -49.63 -31.55 -10.92
H7 23E C . -50.90 -33.53 -7.98
H8 23E C . -52.64 -32.66 -6.60
H10 23E C . -53.06 -29.26 -9.20
H11 23E C . -51.34 -30.13 -10.63
H12 23E C . -54.60 -29.48 -7.49
H13 23E C . -54.41 -31.87 -5.54
H16 23E C . -46.58 -34.98 -12.02
H16A 23E C . -47.35 -35.39 -10.56
H17 23E C . -48.24 -33.37 -13.69
H17A 23E C . -49.65 -32.72 -12.94
H18 23E C . -49.00 -36.64 -11.72
H18A 23E C . -48.00 -36.43 -13.10
H19 23E C . -50.56 -34.96 -12.58
H19A 23E C . -49.70 -35.16 -14.05
HO20 23E C . -55.91 -31.70 -3.99
H23 23E C . -44.48 -31.77 -8.58
H24 23E C . -42.93 -29.90 -8.56
H25 23E C . -46.66 -29.99 -11.84
H31 23E C . -41.13 -26.76 -10.78
H33 23E C . -42.32 -26.08 -8.72
H33A 23E C . -42.14 -27.66 -8.06
H34 23E C . -39.87 -25.73 -8.72
H34A 23E C . -40.36 -26.22 -7.15
H35 23E C . -38.35 -27.50 -7.84
H35A 23E C . -39.69 -28.56 -7.59
H36 23E C . -38.83 -27.49 -10.29
H36A 23E C . -38.49 -29.09 -9.74
H37 23E C . -40.94 -29.54 -9.57
H37A 23E C . -40.51 -29.11 -11.18
H39 23E C . -42.64 -24.93 -10.78
H40 23E C . -42.02 -22.89 -12.03
H41 23E C . -42.10 -22.89 -14.51
H42 23E C . -42.90 -24.85 -15.73
H44 23E C . -46.65 -28.07 -13.01
H44A 23E C . -46.02 -26.45 -12.95
HN45 23E C . -43.51 -27.20 -15.62
C13 8XM D . -25.89 -13.16 -1.03
C18 8XM D . -30.90 -5.69 2.27
C17 8XM D . -32.24 -5.85 2.09
C16 8XM D . -32.79 -6.85 1.34
C15 8XM D . -31.93 -7.76 0.75
C19 8XM D . -30.05 -6.63 1.70
C21 8XM D . -26.71 -5.51 -0.38
C22 8XM D . -25.73 -14.23 -0.15
C23 8XM D . -24.63 -15.07 -0.23
C24 8XM D . -23.63 -14.78 -1.15
C27 8XM D . -24.67 -16.32 0.60
C33 8XM D . -25.47 -19.30 0.95
C1 8XM D . -27.09 -12.29 -0.92
C2 8XM D . -28.38 -12.86 -0.93
C3 8XM D . -29.51 -12.11 -0.64
C4 8XM D . -29.33 -10.78 -0.32
C5 8XM D . -28.09 -10.17 -0.32
C6 8XM D . -26.95 -10.93 -0.64
O7 8XM D . -30.31 -9.91 0.12
C8 8XM D . -29.67 -8.72 0.39
C9 8XM D . -28.34 -8.80 0.13
C10 8XM D . -27.31 -7.78 0.27
N11 8XM D . -27.45 -6.74 -0.55
O12 8XM D . -26.41 -7.90 1.09
C14 8XM D . -30.56 -7.68 0.93
F20 8XM D . -33.08 -4.98 2.71
C25 8XM D . -23.78 -13.75 -2.05
C26 8XM D . -24.91 -12.94 -2.00
N28 8XM D . -24.19 -17.44 0.03
O29 8XM D . -25.16 -16.29 1.74
C30 8XM D . -24.07 -18.72 0.74
C31 8XM D . -23.21 -19.66 -0.11
C32 8XM D . -23.33 -18.57 2.10
N34 8XM D . -22.22 -17.75 2.07
O35 8XM D . -23.69 -19.19 3.09
C36 8XM D . -21.29 -17.63 3.09
S37 8XM D . -21.40 -18.43 4.61
C38 8XM D . -19.95 -17.59 5.01
N39 8XM D . -19.46 -16.84 4.09
N40 8XM D . -20.24 -16.87 2.94
H47 8XM D . -30.50 -4.83 2.79
H46 8XM D . -33.87 -6.95 1.23
H45 8XM D . -32.36 -8.57 0.17
H48 8XM D . -28.98 -6.53 1.89
H50 8XM D . -27.13 -4.67 -0.93
H49 8XM D . -25.67 -5.61 -0.70
H51 8XM D . -26.70 -5.22 0.67
H52 8XM D . -26.52 -14.40 0.59
H53 8XM D . -22.72 -15.38 -1.18
H62 8XM D . -26.09 -19.28 0.05
H60 8XM D . -26.01 -18.80 1.75
H61 8XM D . -25.44 -20.36 1.25
H41 8XM D . -28.51 -13.91 -1.18
H42 8XM D . -30.50 -12.56 -0.64
H43 8XM D . -25.98 -10.44 -0.66
H44 8XM D . -28.06 -6.80 -1.37
H54 8XM D . -23.02 -13.55 -2.80
H55 8XM D . -25.04 -12.15 -2.74
H56 8XM D . -23.90 -17.45 -0.95
H58 8XM D . -23.57 -19.74 -1.14
H57 8XM D . -23.18 -20.67 0.30
H59 8XM D . -22.18 -19.33 -0.17
H63 8XM D . -22.01 -17.17 1.26
H64 8XM D . -19.50 -17.69 6.02
S SO4 E . 5.90 -23.14 -6.41
O1 SO4 E . 6.82 -24.27 -6.51
O2 SO4 E . 4.55 -23.66 -6.34
O3 SO4 E . 6.03 -22.26 -7.57
O4 SO4 E . 6.16 -22.37 -5.20
S SO4 F . -28.22 -4.37 -15.45
O1 SO4 F . -29.02 -5.32 -14.69
O2 SO4 F . -27.97 -4.91 -16.79
O3 SO4 F . -26.93 -4.20 -14.75
O4 SO4 F . -28.92 -3.07 -15.56
S SO4 G . -24.27 -41.78 7.20
O1 SO4 G . -24.80 -41.57 5.83
O2 SO4 G . -23.85 -43.19 7.33
O3 SO4 G . -23.09 -40.91 7.46
O4 SO4 G . -25.27 -41.48 8.19
S SO4 H . -53.76 -24.74 -0.14
O1 SO4 H . -54.84 -25.36 0.62
O2 SO4 H . -54.25 -24.20 -1.41
O3 SO4 H . -52.72 -25.70 -0.41
O4 SO4 H . -53.17 -23.64 0.64
C1 GOL I . 7.11 -5.75 1.55
O1 GOL I . 6.04 -5.95 0.59
C2 GOL I . 7.89 -7.00 1.95
O2 GOL I . 7.17 -7.74 2.94
C3 GOL I . 8.40 -7.96 0.90
O3 GOL I . 7.91 -9.29 1.17
C1 GOL J . 5.36 -7.55 6.88
O1 GOL J . 4.38 -7.46 7.91
C2 GOL J . 6.72 -7.83 7.47
O2 GOL J . 6.77 -9.16 7.97
C3 GOL J . 7.84 -7.59 6.47
O3 GOL J . 7.85 -8.63 5.50
C1 GOL K . -39.61 -1.40 11.48
O1 GOL K . -40.27 -0.57 10.52
C2 GOL K . -39.46 -2.81 10.98
O2 GOL K . -38.63 -2.83 9.81
C3 GOL K . -38.90 -3.75 12.03
O3 GOL K . -38.82 -5.10 11.55
C1 GOL L . -35.18 -13.00 -11.61
O1 GOL L . -36.17 -12.00 -11.42
C2 GOL L . -33.93 -12.71 -10.81
O2 GOL L . -34.31 -12.27 -9.50
C3 GOL L . -33.06 -13.95 -10.69
O3 GOL L . -31.89 -13.71 -9.91
C1 GOL M . -15.50 -18.74 -15.46
O1 GOL M . -14.61 -17.66 -15.17
C2 GOL M . -14.86 -19.73 -16.40
O2 GOL M . -13.62 -20.20 -15.83
C3 GOL M . -15.77 -20.91 -16.67
O3 GOL M . -15.03 -22.12 -16.83
N1 23E N . 50.51 31.51 11.71
C2 23E N . 51.59 32.44 11.94
C3 23E N . 51.36 33.35 13.17
N4 23E N . 51.04 32.71 14.33
C5 23E N . 50.91 33.25 15.63
O6 23E N . 51.52 34.56 13.10
C7 23E N . 50.69 34.61 15.88
C8 23E N . 50.53 35.05 17.17
C9 23E N . 50.58 34.17 18.27
C10 23E N . 50.78 32.81 18.00
C11 23E N . 50.95 32.36 16.70
C12 23E N . 50.42 34.65 19.66
C13 23E N . 50.23 35.90 20.06
C14 23E N . 50.27 36.36 21.49
O15 23E N . 50.01 37.54 21.69
C16 23E N . 51.90 33.23 10.65
C17 23E N . 52.92 31.68 12.13
C18 23E N . 53.37 33.63 10.79
C19 23E N . 53.96 32.75 11.89
O20 23E N . 50.54 35.52 22.47
C21 23E N . 49.20 31.84 11.81
C22 23E N . 48.21 30.72 11.74
C23 23E N . 46.97 30.97 11.14
C24 23E N . 46.07 29.94 10.91
C25 23E N . 48.53 29.42 12.15
N26 23E N . 47.72 27.03 12.15
C27 23E N . 47.63 28.40 11.89
C28 23E N . 46.40 28.63 11.26
C29 23E N . 45.76 27.35 11.08
C30 23E N . 46.60 26.41 11.63
C31 23E N . 44.42 27.11 10.44
C32 23E N . 46.54 24.93 11.67
C33 23E N . 43.28 27.71 11.29
C34 23E N . 41.91 27.41 10.68
C35 23E N . 41.83 27.91 9.25
C36 23E N . 42.95 27.33 8.41
C37 23E N . 44.32 27.64 9.01
O38 23E N . 48.83 33.01 11.93
C39 23E N . 45.36 24.29 12.08
C40 23E N . 45.27 22.91 12.07
C41 23E N . 46.34 22.14 11.63
C42 23E N . 47.52 22.76 11.21
C43 23E N . 47.64 24.15 11.24
C44 23E N . 48.86 26.35 12.76
N45 23E N . 48.90 24.70 10.88
C46 23E N . 49.54 25.70 11.53
O47 23E N . 50.62 26.11 11.12
HN1 23E N . 50.78 30.58 11.41
HN4 23E N . 50.85 31.71 14.28
H7 23E N . 50.60 35.34 15.08
H8 23E N . 50.32 36.12 17.32
H10 23E N . 50.81 32.09 18.82
H11 23E N . 51.13 31.29 16.56
H12 23E N . 50.44 33.83 20.37
H13 23E N . 50.04 36.71 19.37
H16 23E N . 51.71 32.68 9.74
H16A 23E N . 51.25 34.10 10.55
H17 23E N . 53.05 30.88 11.42
H17A 23E N . 52.99 31.21 13.11
H18 23E N . 53.50 34.69 10.96
H18A 23E N . 53.88 33.46 9.85
H19 23E N . 54.22 33.30 12.79
H19A 23E N . 54.90 32.29 11.58
HO20 23E N . 50.75 34.59 22.20
H23 23E N . 46.67 31.97 10.85
H24 23E N . 45.10 30.18 10.48
H25 23E N . 49.46 29.24 12.69
H31 23E N . 44.26 26.04 10.38
H33 23E N . 43.33 27.33 12.31
H33A 23E N . 43.41 28.78 11.38
H34 23E N . 41.72 26.33 10.71
H34A 23E N . 41.11 27.82 11.28
H35 23E N . 40.86 27.69 8.82
H35A 23E N . 41.89 28.99 9.25
H36 23E N . 42.83 26.25 8.35
H36A 23E N . 42.89 27.67 7.37
H37 23E N . 44.48 28.71 8.96
H37A 23E N . 45.12 27.21 8.40
H39 23E N . 44.51 24.89 12.40
H40 23E N . 44.36 22.43 12.39
H41 23E N . 46.26 21.06 11.61
H42 23E N . 48.33 22.13 10.87
H44 23E N . 49.55 27.04 13.26
H44A 23E N . 48.56 25.63 13.53
HN45 23E N . 49.34 24.30 10.07
C13 8XM O . 22.76 18.03 9.72
C18 8XM O . 20.64 15.72 18.74
C17 8XM O . 21.65 15.93 19.61
C16 8XM O . 22.92 16.31 19.22
C15 8XM O . 23.15 16.52 17.88
C19 8XM O . 20.88 15.94 17.40
C21 8XM O . 19.88 12.86 14.68
C22 8XM O . 22.56 19.32 9.20
C23 8XM O . 22.36 19.53 7.85
C24 8XM O . 22.37 18.43 6.99
C27 8XM O . 22.11 20.91 7.34
C33 8XM O . 23.38 23.58 6.14
C1 8XM O . 23.00 17.84 11.17
C2 8XM O . 23.96 18.61 11.82
C3 8XM O . 24.16 18.52 13.18
C4 8XM O . 23.37 17.63 13.88
C5 8XM O . 22.41 16.83 13.27
C6 8XM O . 22.23 16.93 11.89
O7 8XM O . 23.37 17.44 15.24
C8 8XM O . 22.38 16.53 15.52
C9 8XM O . 21.77 16.11 14.36
C10 8XM O . 20.67 15.12 14.20
N11 8XM O . 20.88 13.92 14.72
O12 8XM O . 19.63 15.43 13.59
C14 8XM O . 22.13 16.33 16.94
F20 8XM O . 21.40 15.79 20.94
C25 8XM O . 22.59 17.16 7.48
C26 8XM O . 22.78 16.95 8.83
N28 8XM O . 22.68 21.23 6.16
O29 8XM O . 21.43 21.71 7.98
C30 8XM O . 22.47 22.53 5.50
C31 8XM O . 22.79 22.38 4.02
C32 8XM O . 20.99 22.97 5.61
N34 8XM O . 20.06 22.05 5.19
O35 8XM O . 20.69 24.06 6.08
C36 8XM O . 18.71 22.32 5.10
S37 8XM O . 18.00 23.87 5.42
C38 8XM O . 16.49 23.11 5.09
N39 8XM O . 16.56 21.86 4.78
N40 8XM O . 17.86 21.39 4.79
H47 8XM O . 19.66 15.37 19.08
H46 8XM O . 23.71 16.48 19.95
H45 8XM O . 24.14 16.85 17.57
H48 8XM O . 20.03 15.83 16.70
H50 8XM O . 20.20 11.94 15.16
H49 8XM O . 19.61 12.61 13.65
H51 8XM O . 18.97 13.18 15.19
H52 8XM O . 22.56 20.16 9.90
H53 8XM O . 22.19 18.56 5.92
H62 8XM O . 24.43 23.29 6.15
H60 8XM O . 23.08 23.78 7.17
H61 8XM O . 23.33 24.54 5.63
H41 8XM O . 24.60 19.29 11.25
H42 8XM O . 24.90 19.13 13.70
H43 8XM O . 21.48 16.30 11.40
H44 8XM O . 21.76 13.69 15.16
H54 8XM O . 22.61 16.31 6.80
H55 8XM O . 22.98 15.95 9.20
H56 8XM O . 23.32 20.60 5.69
H58 8XM O . 23.85 22.16 3.83
H57 8XM O . 22.55 23.28 3.44
H59 8XM O . 22.22 21.57 3.57
H63 8XM O . 20.33 21.11 4.92
H64 8XM O . 15.56 23.67 5.15
S SO4 P . 28.43 43.82 -5.23
O1 SO4 P . 27.24 44.51 -4.69
O2 SO4 P . 28.07 42.49 -5.72
O3 SO4 P . 28.98 44.60 -6.33
O4 SO4 P . 29.48 43.70 -4.19
S SO4 Q . 16.91 33.25 29.65
O1 SO4 Q . 15.89 34.10 30.27
O2 SO4 Q . 16.33 31.94 29.31
O3 SO4 Q . 17.38 33.89 28.44
O4 SO4 Q . 18.04 33.05 30.55
S SO4 R . 32.03 37.62 25.41
O1 SO4 R . 30.95 37.75 26.40
O2 SO4 R . 31.98 36.33 24.70
O3 SO4 R . 31.91 38.73 24.46
O4 SO4 R . 33.30 37.73 26.13
S SO4 S . 29.64 23.95 29.85
O1 SO4 S . 28.20 24.27 29.94
O2 SO4 S . 29.96 23.58 28.46
O3 SO4 S . 30.00 22.82 30.72
O4 SO4 S . 30.41 25.12 30.30
C1 GOL T . -7.77 9.32 -9.08
O1 GOL T . -7.22 8.25 -9.84
C2 GOL T . -6.91 9.62 -7.88
O2 GOL T . -5.56 9.86 -8.31
C3 GOL T . -7.45 10.87 -7.20
O3 GOL T . -6.68 11.18 -6.04
C1 GOL U . -4.58 5.52 -9.06
O1 GOL U . -3.29 5.23 -8.50
C2 GOL U . -4.54 6.23 -10.40
O2 GOL U . -4.29 7.64 -10.27
C3 GOL U . -3.57 5.64 -11.41
O3 GOL U . -3.78 6.17 -12.70
C1 GOL V . 49.22 21.91 6.98
O1 GOL V . 48.74 22.82 6.01
C2 GOL V . 50.36 22.52 7.76
O2 GOL V . 49.96 23.81 8.23
C3 GOL V . 50.72 21.63 8.93
O3 GOL V . 51.82 22.14 9.67
C1 GOL W . 35.32 14.34 12.46
O1 GOL W . 35.81 13.29 13.28
C2 GOL W . 34.53 13.81 11.28
O2 GOL W . 33.38 13.11 11.76
C3 GOL W . 34.10 14.96 10.39
O3 GOL W . 33.13 14.53 9.43
#